data_8QPL
#
_entry.id   8QPL
#
_cell.length_a   95.910
_cell.length_b   95.910
_cell.length_c   166.020
_cell.angle_alpha   90.00
_cell.angle_beta   90.00
_cell.angle_gamma   90.00
#
_symmetry.space_group_name_H-M   'P 41 21 2'
#
loop_
_entity.id
_entity.type
_entity.pdbx_description
1 polymer '5,10-methylenetetrahydromethanopterin reductase'
2 non-polymer 'COENZYME F420'
3 water water
#
_entity_poly.entity_id   1
_entity_poly.type   'polypeptide(L)'
_entity_poly.pdbx_seq_one_letter_code
;MKFGIEFVPNEPIQKLCYYVKLAEDNGFEYCWITDHYNNRNVYMALTAIAMNTNKIKLGPGVTNPYVRSPAITASAIATL
DELSGGRAVLGIGPGDKATFDALGIEWVKPVTTLKESIEVIRKLLAGERVSYEGKVVKIAGAALAVKPIQKAVPVYMGAQ
GPKMLETAGMIADGVLINASNPKDFEAAIPLIKKGAEAAGRSMDEIDVAAYACMSVDKNADKAKQAAVPVVAFIAAGSPP
VVLERHGIDMEKVEAIRNALKSGNFPEAFKNVDDTMLEAFSIYGTPEDVVEKCKKLAEMGVTQIVAGSPIGPNKETAIKL
IGKKVIPALKE
;
_entity_poly.pdbx_strand_id   A,B
#
# COMPACT_ATOMS: atom_id res chain seq x y z
N MET A 1 11.67 -5.11 -17.72
CA MET A 1 11.80 -3.65 -17.51
C MET A 1 10.73 -3.27 -16.48
N LYS A 2 11.15 -2.54 -15.46
CA LYS A 2 10.25 -1.84 -14.54
C LYS A 2 9.89 -0.50 -15.14
N PHE A 3 8.67 -0.01 -14.85
CA PHE A 3 8.24 1.27 -15.36
C PHE A 3 8.06 2.27 -14.21
N GLY A 4 8.52 3.49 -14.47
CA GLY A 4 8.21 4.60 -13.61
C GLY A 4 7.43 5.65 -14.39
N ILE A 5 6.89 6.61 -13.63
CA ILE A 5 6.12 7.72 -14.22
C ILE A 5 6.66 8.97 -13.55
N GLU A 6 6.81 10.07 -14.29
CA GLU A 6 7.29 11.35 -13.72
C GLU A 6 6.16 12.37 -13.81
N PHE A 7 6.10 13.26 -12.83
CA PHE A 7 5.11 14.35 -12.83
C PHE A 7 5.66 15.60 -12.18
N VAL A 8 5.51 16.75 -12.83
CA VAL A 8 5.78 18.05 -12.22
C VAL A 8 4.53 18.43 -11.41
N PRO A 9 4.66 18.82 -10.14
CA PRO A 9 3.43 19.13 -9.35
C PRO A 9 2.98 20.56 -9.61
N ASN A 10 2.49 20.79 -10.84
CA ASN A 10 2.09 22.12 -11.29
C ASN A 10 0.60 22.23 -11.62
N GLU A 11 -0.21 21.30 -11.13
CA GLU A 11 -1.66 21.30 -11.13
C GLU A 11 -2.08 21.00 -9.70
N PRO A 12 -3.37 21.18 -9.38
CA PRO A 12 -3.84 20.86 -8.03
C PRO A 12 -3.46 19.43 -7.68
N ILE A 13 -3.07 19.24 -6.42
CA ILE A 13 -2.46 17.97 -6.04
C ILE A 13 -3.44 16.81 -6.18
N GLN A 14 -4.76 17.06 -6.14
CA GLN A 14 -5.72 15.96 -6.30
C GLN A 14 -5.64 15.38 -7.72
N LYS A 15 -5.41 16.24 -8.70
CA LYS A 15 -5.28 15.78 -10.08
C LYS A 15 -4.06 14.87 -10.22
N LEU A 16 -2.95 15.26 -9.61
CA LEU A 16 -1.77 14.43 -9.58
C LEU A 16 -2.03 13.12 -8.87
N CYS A 17 -2.78 13.15 -7.73
CA CYS A 17 -3.04 11.90 -7.03
C CYS A 17 -3.88 10.94 -7.89
N TYR A 18 -4.74 11.46 -8.71
CA TYR A 18 -5.49 10.59 -9.60
C TYR A 18 -4.53 9.91 -10.56
N TYR A 19 -3.67 10.69 -11.21
CA TYR A 19 -2.78 10.12 -12.22
C TYR A 19 -1.88 9.05 -11.61
N VAL A 20 -1.38 9.28 -10.40
CA VAL A 20 -0.48 8.29 -9.80
C VAL A 20 -1.23 7.04 -9.40
N LYS A 21 -2.42 7.19 -8.81
CA LYS A 21 -3.20 5.99 -8.51
C LYS A 21 -3.48 5.23 -9.79
N LEU A 22 -3.83 5.96 -10.84
CA LEU A 22 -4.08 5.29 -12.13
C LEU A 22 -2.83 4.56 -12.61
N ALA A 23 -1.65 5.17 -12.41
CA ALA A 23 -0.42 4.47 -12.83
C ALA A 23 -0.18 3.22 -11.99
N GLU A 24 -0.52 3.27 -10.71
CA GLU A 24 -0.37 2.09 -9.88
C GLU A 24 -1.32 0.99 -10.35
N ASP A 25 -2.57 1.35 -10.57
CA ASP A 25 -3.51 0.40 -11.14
C ASP A 25 -2.92 -0.27 -12.37
N ASN A 26 -2.23 0.49 -13.19
CA ASN A 26 -1.71 0.03 -14.48
C ASN A 26 -0.31 -0.57 -14.41
N GLY A 27 0.17 -0.90 -13.22
CA GLY A 27 1.40 -1.66 -13.05
C GLY A 27 2.69 -0.86 -13.04
N PHE A 28 2.62 0.44 -13.03
CA PHE A 28 3.84 1.23 -12.82
C PHE A 28 4.37 0.97 -11.41
N GLU A 29 5.70 0.94 -11.28
CA GLU A 29 6.32 0.60 -10.02
C GLU A 29 6.98 1.79 -9.30
N TYR A 30 7.22 2.91 -10.00
CA TYR A 30 7.93 4.08 -9.45
C TYR A 30 7.21 5.36 -9.81
N CYS A 31 7.14 6.31 -8.86
CA CYS A 31 6.54 7.61 -9.07
C CYS A 31 7.56 8.65 -8.66
N TRP A 32 7.97 9.51 -9.59
CA TRP A 32 9.02 10.50 -9.40
C TRP A 32 8.41 11.87 -9.59
N ILE A 33 8.45 12.69 -8.53
CA ILE A 33 7.88 14.03 -8.52
C ILE A 33 9.00 15.07 -8.50
N THR A 34 8.98 16.06 -9.43
CA THR A 34 10.08 17.03 -9.45
C THR A 34 9.96 17.99 -8.28
N ASP A 35 11.09 18.60 -7.94
CA ASP A 35 11.27 19.43 -6.76
C ASP A 35 11.88 20.75 -7.26
N HIS A 36 11.03 21.74 -7.47
CA HIS A 36 11.39 23.12 -7.84
C HIS A 36 10.58 24.10 -7.01
N TYR A 37 11.23 25.18 -6.53
CA TYR A 37 10.62 26.11 -5.58
C TYR A 37 9.37 26.77 -6.11
N ASN A 38 9.20 26.86 -7.40
CA ASN A 38 8.09 27.58 -7.97
C ASN A 38 6.81 26.78 -8.06
N ASN A 39 6.84 25.45 -7.87
CA ASN A 39 5.63 24.64 -8.02
C ASN A 39 5.14 24.22 -6.63
N ARG A 40 4.15 23.33 -6.60
CA ARG A 40 3.70 22.83 -5.32
C ARG A 40 4.85 22.06 -4.68
N ASN A 41 4.87 22.04 -3.36
CA ASN A 41 5.99 21.45 -2.64
C ASN A 41 6.00 19.94 -2.84
N VAL A 42 7.20 19.41 -3.07
CA VAL A 42 7.35 18.02 -3.51
C VAL A 42 6.96 17.03 -2.42
N TYR A 43 7.25 17.37 -1.16
CA TYR A 43 6.94 16.43 -0.10
C TYR A 43 5.47 16.49 0.32
N MET A 44 4.83 17.66 0.19
CA MET A 44 3.36 17.75 0.40
C MET A 44 2.65 17.01 -0.72
N ALA A 45 3.15 17.09 -1.93
CA ALA A 45 2.56 16.33 -3.01
C ALA A 45 2.74 14.84 -2.78
N LEU A 46 3.95 14.42 -2.37
CA LEU A 46 4.21 13.01 -2.09
C LEU A 46 3.38 12.49 -0.92
N THR A 47 3.12 13.32 0.09
CA THR A 47 2.29 12.92 1.24
C THR A 47 0.88 12.55 0.78
N ALA A 48 0.25 13.44 0.04
CA ALA A 48 -1.07 13.15 -0.54
C ALA A 48 -1.02 11.92 -1.45
N ILE A 49 0.01 11.83 -2.27
CA ILE A 49 0.10 10.69 -3.18
C ILE A 49 0.17 9.40 -2.39
N ALA A 50 1.00 9.39 -1.32
CA ALA A 50 1.11 8.21 -0.47
C ALA A 50 -0.25 7.79 0.08
N MET A 51 -1.07 8.76 0.45
CA MET A 51 -2.37 8.43 1.02
C MET A 51 -3.38 7.90 0.00
N ASN A 52 -3.14 8.14 -1.28
CA ASN A 52 -4.04 7.72 -2.35
C ASN A 52 -3.49 6.50 -3.09
N THR A 53 -2.37 5.94 -2.63
CA THR A 53 -1.76 4.79 -3.26
C THR A 53 -1.42 3.77 -2.20
N ASN A 54 -0.93 2.60 -2.64
CA ASN A 54 -0.76 1.47 -1.74
C ASN A 54 0.56 0.73 -1.95
N LYS A 55 1.05 0.65 -3.17
CA LYS A 55 2.25 -0.14 -3.42
C LYS A 55 3.26 0.52 -4.34
N ILE A 56 2.94 1.52 -5.15
CA ILE A 56 3.93 2.12 -6.03
C ILE A 56 5.00 2.80 -5.17
N LYS A 57 6.27 2.69 -5.60
CA LYS A 57 7.33 3.37 -4.89
C LYS A 57 7.30 4.85 -5.28
N LEU A 58 7.66 5.72 -4.33
CA LEU A 58 7.52 7.13 -4.64
C LEU A 58 8.59 7.98 -3.96
N GLY A 59 8.97 9.04 -4.64
CA GLY A 59 9.91 9.97 -4.03
C GLY A 59 10.18 11.16 -4.89
N PRO A 60 11.09 12.02 -4.46
CA PRO A 60 11.41 13.18 -5.29
C PRO A 60 12.32 12.71 -6.39
N GLY A 61 12.05 13.21 -7.57
CA GLY A 61 12.84 12.91 -8.75
C GLY A 61 13.13 14.21 -9.46
N VAL A 62 14.18 14.93 -9.07
CA VAL A 62 15.02 14.67 -7.92
C VAL A 62 15.08 15.95 -7.05
N THR A 63 15.40 15.79 -5.78
CA THR A 63 15.74 16.93 -4.95
C THR A 63 17.26 17.20 -5.10
N ASN A 64 17.83 18.02 -4.22
CA ASN A 64 19.23 18.42 -4.34
C ASN A 64 19.73 18.82 -2.95
N PRO A 65 21.05 18.98 -2.78
CA PRO A 65 21.55 19.27 -1.43
C PRO A 65 21.39 20.71 -0.99
N TYR A 66 20.90 21.60 -1.85
CA TYR A 66 21.03 23.04 -1.63
C TYR A 66 19.75 23.70 -1.13
N VAL A 67 18.56 23.31 -1.61
CA VAL A 67 17.36 24.12 -1.34
C VAL A 67 16.79 23.83 0.02
N ARG A 68 17.24 22.74 0.65
CA ARG A 68 16.97 22.37 2.03
C ARG A 68 18.21 21.73 2.61
N SER A 69 18.35 21.84 3.90
CA SER A 69 19.38 21.12 4.59
C SER A 69 19.26 19.63 4.27
N PRO A 70 20.37 18.93 4.06
CA PRO A 70 20.29 17.47 3.91
C PRO A 70 19.71 16.80 5.10
N ALA A 71 19.86 17.40 6.29
CA ALA A 71 19.20 16.77 7.42
C ALA A 71 17.68 16.89 7.27
N ILE A 72 17.18 17.98 6.68
CA ILE A 72 15.74 18.10 6.45
C ILE A 72 15.31 17.07 5.39
N THR A 73 16.10 16.93 4.34
CA THR A 73 15.82 15.89 3.34
C THR A 73 15.73 14.50 3.93
N ALA A 74 16.62 14.19 4.86
CA ALA A 74 16.59 12.88 5.48
C ALA A 74 15.29 12.67 6.23
N SER A 75 14.88 13.63 7.06
CA SER A 75 13.68 13.36 7.85
C SER A 75 12.42 13.41 6.97
N ALA A 76 12.45 14.17 5.88
CA ALA A 76 11.31 14.17 4.97
C ALA A 76 11.13 12.82 4.34
N ILE A 77 12.26 12.21 3.93
CA ILE A 77 12.26 10.88 3.35
C ILE A 77 11.82 9.86 4.37
N ALA A 78 12.32 9.98 5.61
CA ALA A 78 11.87 9.04 6.63
C ALA A 78 10.37 9.17 6.90
N THR A 79 9.85 10.40 6.86
CA THR A 79 8.41 10.62 7.08
C THR A 79 7.63 9.97 5.96
N LEU A 80 8.09 10.17 4.71
CA LEU A 80 7.46 9.53 3.56
C LEU A 80 7.50 8.00 3.66
N ASP A 81 8.63 7.47 4.05
CA ASP A 81 8.73 6.02 4.16
C ASP A 81 7.83 5.50 5.26
N GLU A 82 7.71 6.26 6.35
CA GLU A 82 6.80 5.83 7.43
C GLU A 82 5.35 5.82 6.92
N LEU A 83 4.90 6.91 6.30
CA LEU A 83 3.50 7.04 5.86
C LEU A 83 3.10 5.96 4.85
N SER A 84 4.00 5.68 3.91
CA SER A 84 3.77 4.81 2.76
C SER A 84 4.00 3.35 3.10
N GLY A 85 4.40 3.02 4.33
CA GLY A 85 4.62 1.65 4.72
C GLY A 85 5.87 1.05 4.13
N GLY A 86 6.87 1.87 3.85
CA GLY A 86 8.13 1.40 3.36
C GLY A 86 8.34 1.48 1.87
N ARG A 87 7.74 2.49 1.20
CA ARG A 87 7.77 2.62 -0.26
C ARG A 87 8.58 3.80 -0.76
N ALA A 88 9.34 4.49 0.09
CA ALA A 88 10.01 5.68 -0.40
C ALA A 88 11.24 5.32 -1.23
N VAL A 89 11.64 6.26 -2.09
CA VAL A 89 12.93 6.30 -2.77
C VAL A 89 13.39 7.76 -2.80
N LEU A 90 14.68 7.99 -2.62
CA LEU A 90 15.22 9.33 -2.62
C LEU A 90 15.94 9.53 -3.94
N GLY A 91 15.34 10.30 -4.84
CA GLY A 91 16.04 10.73 -6.03
C GLY A 91 16.67 12.06 -5.70
N ILE A 92 17.99 12.18 -5.96
CA ILE A 92 18.74 13.36 -5.58
C ILE A 92 19.79 13.65 -6.65
N GLY A 93 19.95 14.94 -6.93
CA GLY A 93 20.83 15.42 -7.97
C GLY A 93 21.46 16.73 -7.52
N PRO A 94 22.38 17.28 -8.31
CA PRO A 94 23.07 18.52 -7.88
C PRO A 94 22.25 19.77 -8.06
N GLY A 95 21.17 19.72 -8.81
CA GLY A 95 20.38 20.92 -9.02
C GLY A 95 20.91 21.62 -10.24
N ASP A 96 20.72 22.93 -10.31
CA ASP A 96 21.16 23.69 -11.48
C ASP A 96 21.50 25.13 -11.11
N LYS A 97 22.47 25.69 -11.85
CA LYS A 97 22.99 27.01 -11.54
C LYS A 97 21.90 28.08 -11.66
N ALA A 98 21.02 27.95 -12.64
CA ALA A 98 20.01 28.98 -12.87
C ALA A 98 19.16 29.15 -11.62
N THR A 99 18.73 28.04 -11.04
CA THR A 99 17.92 28.11 -9.83
C THR A 99 18.69 28.80 -8.71
N PHE A 100 19.92 28.35 -8.44
CA PHE A 100 20.64 28.87 -7.29
C PHE A 100 21.13 30.28 -7.51
N ASP A 101 21.29 30.70 -8.78
CA ASP A 101 21.52 32.12 -9.02
C ASP A 101 20.26 32.93 -8.73
N ALA A 102 19.10 32.38 -9.08
CA ALA A 102 17.84 33.05 -8.74
C ALA A 102 17.65 33.17 -7.24
N LEU A 103 18.01 32.15 -6.49
CA LEU A 103 17.73 32.07 -5.07
C LEU A 103 18.88 32.56 -4.21
N GLY A 104 19.99 33.01 -4.83
CA GLY A 104 21.13 33.44 -4.07
C GLY A 104 21.82 32.35 -3.31
N ILE A 105 22.10 31.25 -4.00
CA ILE A 105 22.70 30.06 -3.38
C ILE A 105 23.97 29.74 -4.15
N GLU A 106 25.04 29.51 -3.41
CA GLU A 106 26.33 29.24 -4.03
C GLU A 106 26.36 27.79 -4.46
N TRP A 107 26.58 27.52 -5.75
CA TRP A 107 26.64 26.13 -6.29
C TRP A 107 28.02 25.54 -5.99
N VAL A 108 28.26 25.14 -4.76
CA VAL A 108 29.61 24.68 -4.33
C VAL A 108 29.89 23.25 -4.77
N LYS A 109 31.03 23.02 -5.40
CA LYS A 109 31.52 21.66 -5.74
C LYS A 109 30.37 20.66 -5.80
N PRO A 110 29.58 20.61 -6.89
CA PRO A 110 28.43 19.73 -6.97
C PRO A 110 28.67 18.25 -6.67
N VAL A 111 29.80 17.68 -7.08
CA VAL A 111 30.07 16.22 -6.92
C VAL A 111 30.39 15.91 -5.46
N THR A 112 31.24 16.67 -4.79
CA THR A 112 31.65 16.42 -3.38
C THR A 112 30.45 16.71 -2.48
N THR A 113 29.72 17.80 -2.69
CA THR A 113 28.50 18.09 -1.94
C THR A 113 27.52 16.92 -2.01
N LEU A 114 27.24 16.43 -3.22
CA LEU A 114 26.27 15.35 -3.41
C LEU A 114 26.71 14.09 -2.71
N LYS A 115 27.99 13.72 -2.86
CA LYS A 115 28.46 12.52 -2.19
C LYS A 115 28.37 12.66 -0.68
N GLU A 116 28.81 13.81 -0.16
CA GLU A 116 28.77 13.96 1.29
C GLU A 116 27.34 14.02 1.80
N SER A 117 26.48 14.73 1.08
CA SER A 117 25.06 14.82 1.45
C SER A 117 24.42 13.45 1.49
N ILE A 118 24.62 12.66 0.43
CA ILE A 118 24.10 11.30 0.38
C ILE A 118 24.66 10.49 1.55
N GLU A 119 25.93 10.68 1.88
CA GLU A 119 26.46 9.86 2.96
C GLU A 119 25.83 10.26 4.30
N VAL A 120 25.61 11.54 4.51
CA VAL A 120 25.03 11.97 5.79
C VAL A 120 23.55 11.56 5.86
N ILE A 121 22.83 11.71 4.76
CA ILE A 121 21.42 11.32 4.74
C ILE A 121 21.27 9.85 5.11
N ARG A 122 22.12 8.98 4.55
CA ARG A 122 22.04 7.56 4.86
C ARG A 122 22.35 7.26 6.32
N LYS A 123 23.39 7.89 6.87
CA LYS A 123 23.69 7.70 8.29
C LYS A 123 22.56 8.20 9.17
N LEU A 124 21.99 9.35 8.81
CA LEU A 124 20.83 9.85 9.54
C LEU A 124 19.68 8.86 9.46
N LEU A 125 19.35 8.40 8.25
CA LEU A 125 18.30 7.42 8.07
C LEU A 125 18.58 6.11 8.79
N ALA A 126 19.85 5.71 8.90
CA ALA A 126 20.16 4.48 9.63
C ALA A 126 20.02 4.65 11.13
N GLY A 127 19.64 5.83 11.63
CA GLY A 127 19.48 6.02 13.06
C GLY A 127 20.73 6.41 13.80
N GLU A 128 21.82 6.68 13.09
CA GLU A 128 23.07 7.02 13.76
C GLU A 128 23.01 8.45 14.28
N ARG A 129 23.70 8.68 15.40
CA ARG A 129 24.12 10.03 15.78
C ARG A 129 25.32 10.42 14.93
N VAL A 130 25.25 11.58 14.27
CA VAL A 130 26.14 11.88 13.14
C VAL A 130 27.04 13.04 13.49
N SER A 131 28.35 12.82 13.38
CA SER A 131 29.33 13.89 13.38
C SER A 131 30.19 13.69 12.15
N TYR A 132 30.20 14.68 11.28
CA TYR A 132 30.75 14.43 9.95
C TYR A 132 31.41 15.71 9.54
N GLU A 133 32.70 15.62 9.23
CA GLU A 133 33.50 16.80 8.96
C GLU A 133 34.00 16.67 7.53
N GLY A 134 33.07 16.81 6.60
CA GLY A 134 33.39 16.74 5.20
C GLY A 134 33.99 18.02 4.67
N LYS A 135 34.34 17.99 3.40
CA LYS A 135 34.90 19.15 2.69
C LYS A 135 33.84 20.24 2.57
N VAL A 136 32.55 19.90 2.56
CA VAL A 136 31.49 20.88 2.39
C VAL A 136 30.47 20.65 3.49
N VAL A 137 29.98 19.42 3.60
CA VAL A 137 28.96 19.11 4.59
C VAL A 137 29.62 18.88 5.94
N LYS A 138 29.21 19.67 6.94
CA LYS A 138 29.77 19.60 8.28
C LYS A 138 28.63 19.54 9.28
N ILE A 139 28.55 18.40 9.97
CA ILE A 139 27.44 18.02 10.83
C ILE A 139 28.02 17.66 12.19
N ALA A 140 27.36 18.08 13.28
CA ALA A 140 27.89 17.84 14.63
C ALA A 140 26.79 17.43 15.62
N GLY A 141 26.67 16.13 15.86
CA GLY A 141 25.77 15.71 16.90
C GLY A 141 24.34 15.58 16.43
N ALA A 142 24.11 15.50 15.12
CA ALA A 142 22.76 15.42 14.57
C ALA A 142 22.24 13.99 14.62
N ALA A 143 20.96 13.86 14.90
CA ALA A 143 20.31 12.56 14.98
C ALA A 143 18.83 12.73 14.72
N LEU A 144 18.24 11.78 14.04
CA LEU A 144 16.80 11.80 13.80
C LEU A 144 16.08 11.08 14.91
N ALA A 145 14.87 11.55 15.23
CA ALA A 145 13.93 10.81 16.03
C ALA A 145 13.00 9.99 15.15
N VAL A 146 12.66 10.53 13.99
CA VAL A 146 11.88 9.82 12.94
C VAL A 146 12.75 8.74 12.31
N LYS A 147 12.16 7.56 12.12
CA LYS A 147 12.83 6.35 11.57
C LYS A 147 12.10 5.88 10.32
N PRO A 148 12.82 5.54 9.23
CA PRO A 148 12.22 4.92 8.07
C PRO A 148 11.69 3.53 8.45
N ILE A 149 10.90 2.92 7.58
CA ILE A 149 10.53 1.52 7.74
C ILE A 149 11.55 0.65 7.03
N GLN A 150 11.97 1.04 5.84
CA GLN A 150 12.98 0.26 5.14
C GLN A 150 14.29 0.35 5.91
N LYS A 151 15.04 -0.74 5.98
CA LYS A 151 16.33 -0.64 6.65
C LYS A 151 17.23 0.34 5.89
N ALA A 152 17.16 0.33 4.57
CA ALA A 152 17.96 1.23 3.72
C ALA A 152 17.08 1.79 2.62
N VAL A 153 16.72 3.06 2.72
CA VAL A 153 15.92 3.68 1.66
C VAL A 153 16.79 3.84 0.41
N PRO A 154 16.32 3.46 -0.75
CA PRO A 154 17.19 3.56 -1.94
C PRO A 154 17.49 4.98 -2.37
N VAL A 155 18.74 5.19 -2.81
CA VAL A 155 19.18 6.49 -3.26
C VAL A 155 19.47 6.41 -4.74
N TYR A 156 18.75 7.19 -5.52
CA TYR A 156 18.94 7.26 -6.96
C TYR A 156 19.58 8.61 -7.22
N MET A 157 20.72 8.62 -7.91
CA MET A 157 21.33 9.87 -8.34
C MET A 157 20.88 10.24 -9.72
N GLY A 158 20.58 11.52 -9.90
CA GLY A 158 20.45 12.04 -11.23
C GLY A 158 21.85 12.37 -11.70
N ALA A 159 22.16 11.98 -12.95
CA ALA A 159 23.54 12.02 -13.43
C ALA A 159 23.52 12.13 -14.95
N GLN A 160 24.14 13.18 -15.48
CA GLN A 160 24.34 13.35 -16.92
C GLN A 160 25.81 13.35 -17.31
N GLY A 161 26.66 13.95 -16.49
CA GLY A 161 28.07 14.07 -16.78
C GLY A 161 28.85 12.86 -16.34
N PRO A 162 30.09 12.74 -16.83
CA PRO A 162 30.83 11.48 -16.58
C PRO A 162 31.31 11.34 -15.16
N LYS A 163 31.66 12.43 -14.50
CA LYS A 163 32.08 12.32 -13.10
C LYS A 163 30.88 12.01 -12.21
N MET A 164 29.71 12.50 -12.57
CA MET A 164 28.48 12.20 -11.79
C MET A 164 28.09 10.74 -12.06
N LEU A 165 28.26 10.25 -13.29
CA LEU A 165 27.95 8.86 -13.59
C LEU A 165 28.89 7.93 -12.85
N GLU A 166 30.18 8.29 -12.83
CA GLU A 166 31.15 7.45 -12.13
C GLU A 166 30.82 7.39 -10.66
N THR A 167 30.53 8.55 -10.07
CA THR A 167 30.15 8.62 -8.67
C THR A 167 28.93 7.75 -8.38
N ALA A 168 27.94 7.79 -9.26
CA ALA A 168 26.76 6.97 -9.05
C ALA A 168 27.11 5.49 -9.03
N GLY A 169 27.98 5.06 -9.93
CA GLY A 169 28.45 3.70 -9.83
C GLY A 169 29.03 3.37 -8.46
N MET A 170 29.70 4.35 -7.85
CA MET A 170 30.33 4.02 -6.57
C MET A 170 29.38 4.03 -5.39
N ILE A 171 28.36 4.92 -5.40
CA ILE A 171 27.56 5.12 -4.20
C ILE A 171 26.04 4.90 -4.37
N ALA A 172 25.47 5.05 -5.58
CA ALA A 172 23.99 5.09 -5.75
C ALA A 172 23.37 3.70 -5.85
N ASP A 173 22.10 3.60 -5.39
CA ASP A 173 21.32 2.39 -5.64
C ASP A 173 20.66 2.44 -7.00
N GLY A 174 20.59 3.63 -7.61
CA GLY A 174 20.08 3.70 -8.96
C GLY A 174 20.52 5.00 -9.58
N VAL A 175 20.34 5.10 -10.88
CA VAL A 175 20.78 6.26 -11.61
C VAL A 175 19.66 6.73 -12.53
N LEU A 176 19.29 7.99 -12.43
CA LEU A 176 18.29 8.58 -13.31
C LEU A 176 19.05 9.35 -14.37
N ILE A 177 19.02 8.86 -15.61
CA ILE A 177 19.65 9.50 -16.74
C ILE A 177 18.56 10.10 -17.62
N ASN A 178 18.66 11.40 -17.88
CA ASN A 178 17.68 12.04 -18.76
C ASN A 178 18.00 11.73 -20.21
N ALA A 179 17.43 10.65 -20.75
CA ALA A 179 17.76 10.28 -22.12
C ALA A 179 16.82 9.19 -22.54
N SER A 180 16.58 9.10 -23.85
CA SER A 180 15.59 8.15 -24.37
C SER A 180 16.15 7.21 -25.44
N ASN A 181 17.44 7.30 -25.77
CA ASN A 181 18.03 6.66 -26.93
C ASN A 181 19.15 5.70 -26.53
N PRO A 182 19.25 4.54 -27.17
CA PRO A 182 20.29 3.56 -26.75
C PRO A 182 21.70 4.13 -26.81
N LYS A 183 21.96 5.10 -27.70
CA LYS A 183 23.30 5.68 -27.83
C LYS A 183 23.73 6.38 -26.57
N ASP A 184 22.78 6.98 -25.86
CA ASP A 184 23.12 7.65 -24.62
C ASP A 184 23.53 6.64 -23.58
N PHE A 185 22.89 5.49 -23.61
CA PHE A 185 23.17 4.49 -22.59
C PHE A 185 24.41 3.68 -22.92
N GLU A 186 24.66 3.44 -24.22
CA GLU A 186 25.97 2.93 -24.66
C GLU A 186 27.10 3.74 -24.07
N ALA A 187 26.99 5.05 -24.18
CA ALA A 187 28.05 5.90 -23.65
C ALA A 187 28.08 5.91 -22.12
N ALA A 188 26.93 5.79 -21.46
CA ALA A 188 26.90 6.10 -20.03
C ALA A 188 27.13 4.89 -19.14
N ILE A 189 26.65 3.71 -19.48
CA ILE A 189 26.73 2.61 -18.50
C ILE A 189 28.19 2.18 -18.35
N PRO A 190 29.08 2.32 -19.34
CA PRO A 190 30.50 2.04 -19.03
C PRO A 190 31.04 2.94 -17.93
N LEU A 191 30.73 4.24 -18.01
CA LEU A 191 31.12 5.17 -16.95
C LEU A 191 30.59 4.73 -15.58
N ILE A 192 29.31 4.34 -15.50
CA ILE A 192 28.79 3.84 -14.23
C ILE A 192 29.57 2.61 -13.79
N LYS A 193 29.82 1.68 -14.70
CA LYS A 193 30.48 0.38 -14.34
C LYS A 193 31.86 0.63 -13.76
N LYS A 194 32.57 1.64 -14.25
CA LYS A 194 33.94 1.96 -13.77
C LYS A 194 33.87 2.31 -12.28
N GLY A 195 32.87 3.09 -11.87
CA GLY A 195 32.72 3.50 -10.47
C GLY A 195 32.38 2.30 -9.64
N ALA A 196 31.51 1.46 -10.17
CA ALA A 196 31.07 0.25 -9.45
C ALA A 196 32.29 -0.61 -9.17
N GLU A 197 33.07 -0.93 -10.20
CA GLU A 197 34.25 -1.80 -10.06
C GLU A 197 35.20 -1.19 -9.03
N ALA A 198 35.42 0.11 -9.08
CA ALA A 198 36.33 0.82 -8.15
C ALA A 198 35.81 0.68 -6.74
N ALA A 199 34.50 0.74 -6.58
CA ALA A 199 33.84 0.65 -5.26
C ALA A 199 33.66 -0.81 -4.88
N GLY A 200 33.97 -1.76 -5.76
CA GLY A 200 33.73 -3.15 -5.38
C GLY A 200 32.30 -3.64 -5.54
N ARG A 201 31.54 -3.08 -6.49
CA ARG A 201 30.12 -3.39 -6.57
C ARG A 201 29.76 -4.10 -7.86
N SER A 202 28.73 -4.93 -7.78
CA SER A 202 28.09 -5.53 -8.96
C SER A 202 27.08 -4.55 -9.56
N MET A 203 26.80 -4.68 -10.85
CA MET A 203 25.82 -3.80 -11.52
C MET A 203 24.39 -4.30 -11.24
N ASP A 204 24.22 -5.48 -10.65
CA ASP A 204 22.92 -5.88 -10.17
C ASP A 204 22.46 -5.02 -9.01
N GLU A 205 23.37 -4.29 -8.36
CA GLU A 205 23.02 -3.42 -7.24
C GLU A 205 22.50 -2.07 -7.71
N ILE A 206 22.48 -1.83 -9.01
CA ILE A 206 22.26 -0.49 -9.52
C ILE A 206 21.15 -0.56 -10.56
N ASP A 207 20.05 0.13 -10.30
CA ASP A 207 18.94 0.32 -11.24
C ASP A 207 19.27 1.48 -12.14
N VAL A 208 19.66 1.19 -13.39
CA VAL A 208 19.90 2.23 -14.39
C VAL A 208 18.58 2.64 -15.02
N ALA A 209 18.14 3.88 -14.75
CA ALA A 209 16.83 4.36 -15.14
C ALA A 209 16.92 5.36 -16.28
N ALA A 210 16.15 5.11 -17.34
CA ALA A 210 16.03 6.05 -18.44
C ALA A 210 14.88 6.97 -18.08
N TYR A 211 15.24 8.19 -17.71
CA TYR A 211 14.28 9.26 -17.45
C TYR A 211 13.90 9.83 -18.79
N ALA A 212 12.97 9.15 -19.45
CA ALA A 212 12.73 9.31 -20.87
C ALA A 212 11.54 10.23 -21.13
N CYS A 213 11.52 10.81 -22.34
CA CYS A 213 10.31 11.43 -22.87
C CYS A 213 9.56 10.38 -23.69
N MET A 214 8.38 10.01 -23.23
CA MET A 214 7.63 8.90 -23.82
C MET A 214 6.31 9.46 -24.33
N SER A 215 5.85 8.96 -25.47
CA SER A 215 4.57 9.41 -26.02
C SER A 215 3.98 8.25 -26.79
N VAL A 216 2.97 7.62 -26.23
CA VAL A 216 2.36 6.45 -26.84
C VAL A 216 0.88 6.75 -27.14
N ASP A 217 0.41 6.20 -28.25
CA ASP A 217 -0.97 6.41 -28.70
C ASP A 217 -1.28 5.29 -29.67
N LYS A 218 -2.56 4.90 -29.79
CA LYS A 218 -2.91 3.93 -30.82
C LYS A 218 -2.49 4.43 -32.21
N ASN A 219 -2.43 5.74 -32.40
CA ASN A 219 -1.97 6.34 -33.64
C ASN A 219 -0.54 6.86 -33.49
N ALA A 220 0.38 6.26 -34.26
CA ALA A 220 1.80 6.62 -34.19
C ALA A 220 2.06 8.08 -34.56
N ASP A 221 1.37 8.62 -35.58
CA ASP A 221 1.63 10.03 -35.90
C ASP A 221 1.11 10.95 -34.79
N LYS A 222 -0.07 10.67 -34.24
CA LYS A 222 -0.52 11.48 -33.12
C LYS A 222 0.47 11.39 -31.96
N ALA A 223 0.97 10.18 -31.67
CA ALA A 223 2.01 10.05 -30.64
C ALA A 223 3.19 10.94 -30.96
N LYS A 224 3.68 10.90 -32.21
CA LYS A 224 4.85 11.68 -32.61
C LYS A 224 4.61 13.17 -32.41
N GLN A 225 3.47 13.68 -32.89
CA GLN A 225 3.15 15.09 -32.73
C GLN A 225 3.17 15.52 -31.26
N ALA A 226 2.52 14.75 -30.39
CA ALA A 226 2.49 15.09 -28.96
C ALA A 226 3.88 15.19 -28.32
N ALA A 227 4.91 14.56 -28.89
CA ALA A 227 6.23 14.57 -28.23
C ALA A 227 7.04 15.81 -28.56
N VAL A 228 6.60 16.57 -29.57
CA VAL A 228 7.39 17.68 -30.09
C VAL A 228 7.71 18.72 -29.03
N PRO A 229 6.75 19.26 -28.29
CA PRO A 229 7.08 20.39 -27.40
C PRO A 229 8.11 20.02 -26.35
N VAL A 230 8.00 18.82 -25.79
CA VAL A 230 9.00 18.34 -24.86
C VAL A 230 10.33 18.12 -25.59
N VAL A 231 10.29 17.49 -26.75
CA VAL A 231 11.56 17.27 -27.44
C VAL A 231 12.24 18.62 -27.70
N ALA A 232 11.45 19.63 -28.03
CA ALA A 232 12.01 20.97 -28.26
C ALA A 232 12.84 21.42 -27.06
N PHE A 233 12.31 21.24 -25.86
CA PHE A 233 13.04 21.64 -24.65
C PHE A 233 14.28 20.79 -24.44
N ILE A 234 14.21 19.48 -24.69
CA ILE A 234 15.37 18.64 -24.42
C ILE A 234 16.50 18.96 -25.39
N ALA A 235 16.19 19.07 -26.69
CA ALA A 235 17.21 19.48 -27.66
C ALA A 235 17.88 20.80 -27.26
N ALA A 236 17.07 21.83 -26.96
CA ALA A 236 17.60 23.13 -26.53
C ALA A 236 18.58 23.03 -25.36
N GLY A 237 18.21 22.31 -24.28
CA GLY A 237 19.07 22.20 -23.12
C GLY A 237 20.24 21.23 -23.25
N SER A 238 20.25 20.39 -24.27
CA SER A 238 21.28 19.36 -24.37
C SER A 238 22.69 19.96 -24.37
N PRO A 239 23.63 19.41 -23.59
CA PRO A 239 25.05 19.84 -23.72
C PRO A 239 25.60 19.52 -25.09
N PRO A 240 26.64 20.25 -25.54
CA PRO A 240 27.11 20.10 -26.94
C PRO A 240 27.46 18.66 -27.30
N VAL A 241 28.15 17.94 -26.42
CA VAL A 241 28.48 16.53 -26.64
C VAL A 241 27.24 15.75 -27.09
N VAL A 242 26.12 15.93 -26.37
CA VAL A 242 24.95 15.12 -26.64
C VAL A 242 24.42 15.39 -28.05
N LEU A 243 24.44 16.65 -28.49
CA LEU A 243 23.84 16.95 -29.78
C LEU A 243 24.69 16.44 -30.94
N GLU A 244 26.03 16.41 -30.82
CA GLU A 244 26.79 15.81 -31.93
C GLU A 244 26.59 14.30 -31.97
N ARG A 245 26.58 13.66 -30.80
CA ARG A 245 26.32 12.22 -30.72
C ARG A 245 25.12 11.83 -31.60
N HIS A 246 24.09 12.66 -31.62
CA HIS A 246 22.86 12.35 -32.33
C HIS A 246 22.76 13.10 -33.65
N GLY A 247 23.71 13.98 -33.94
CA GLY A 247 23.76 14.61 -35.26
C GLY A 247 22.68 15.64 -35.47
N ILE A 248 22.38 16.43 -34.45
CA ILE A 248 21.33 17.43 -34.54
C ILE A 248 21.85 18.61 -35.37
N ASP A 249 21.04 19.08 -36.29
CA ASP A 249 21.36 20.30 -37.02
C ASP A 249 21.41 21.43 -35.99
N MET A 250 22.62 21.91 -35.65
CA MET A 250 22.80 22.90 -34.61
C MET A 250 22.17 24.25 -34.94
N GLU A 251 21.84 24.51 -36.22
CA GLU A 251 21.13 25.75 -36.55
C GLU A 251 19.64 25.65 -36.22
N LYS A 252 19.03 24.47 -36.46
CA LYS A 252 17.66 24.22 -36.01
C LYS A 252 17.58 24.29 -34.49
N VAL A 253 18.67 24.01 -33.80
CA VAL A 253 18.70 24.08 -32.33
C VAL A 253 18.66 25.54 -31.88
N GLU A 254 19.55 26.39 -32.42
CA GLU A 254 19.54 27.80 -32.03
C GLU A 254 18.15 28.43 -32.28
N ALA A 255 17.53 28.13 -33.42
CA ALA A 255 16.17 28.61 -33.67
C ALA A 255 15.20 28.16 -32.59
N ILE A 256 15.32 26.91 -32.14
CA ILE A 256 14.55 26.43 -30.99
C ILE A 256 14.94 27.19 -29.72
N ARG A 257 16.24 27.46 -29.55
CA ARG A 257 16.71 28.16 -28.34
C ARG A 257 16.16 29.58 -28.25
N ASN A 258 16.17 30.32 -29.37
CA ASN A 258 15.61 31.67 -29.37
C ASN A 258 14.10 31.68 -29.15
N ALA A 259 13.38 30.74 -29.77
CA ALA A 259 11.92 30.75 -29.69
C ALA A 259 11.46 30.48 -28.25
N LEU A 260 12.12 29.57 -27.55
CA LEU A 260 11.71 29.25 -26.17
C LEU A 260 12.15 30.35 -25.21
N LYS A 261 13.36 30.88 -25.42
CA LYS A 261 13.83 32.07 -24.73
C LYS A 261 12.79 33.20 -24.76
N SER A 262 12.27 33.52 -25.95
CA SER A 262 11.20 34.50 -26.12
C SER A 262 9.84 34.00 -25.63
N GLY A 263 9.70 32.69 -25.38
CA GLY A 263 8.40 32.10 -25.15
C GLY A 263 7.62 31.81 -26.42
N ASN A 264 8.30 31.74 -27.55
CA ASN A 264 7.60 31.50 -28.82
C ASN A 264 7.48 30.00 -29.02
N PHE A 265 6.55 29.39 -28.28
CA PHE A 265 6.37 27.94 -28.38
C PHE A 265 6.08 27.49 -29.81
N PRO A 266 5.12 28.07 -30.54
CA PRO A 266 4.90 27.63 -31.94
C PRO A 266 6.14 27.72 -32.82
N GLU A 267 7.00 28.73 -32.64
CA GLU A 267 8.22 28.81 -33.44
C GLU A 267 9.23 27.73 -33.05
N ALA A 268 9.36 27.47 -31.74
CA ALA A 268 10.18 26.35 -31.25
C ALA A 268 9.77 25.03 -31.89
N PHE A 269 8.46 24.72 -31.90
CA PHE A 269 8.04 23.39 -32.34
C PHE A 269 8.17 23.23 -33.85
N LYS A 270 8.04 24.32 -34.61
CA LYS A 270 8.27 24.28 -36.05
C LYS A 270 9.68 23.85 -36.39
N ASN A 271 10.62 23.95 -35.44
CA ASN A 271 12.02 23.65 -35.68
C ASN A 271 12.44 22.28 -35.19
N VAL A 272 11.52 21.47 -34.64
CA VAL A 272 11.84 20.11 -34.23
C VAL A 272 11.68 19.18 -35.42
N ASP A 273 12.68 18.36 -35.66
CA ASP A 273 12.67 17.49 -36.83
C ASP A 273 12.70 16.02 -36.39
N ASP A 274 12.61 15.13 -37.36
CA ASP A 274 12.53 13.70 -37.05
C ASP A 274 13.78 13.22 -36.32
N THR A 275 14.93 13.82 -36.63
CA THR A 275 16.18 13.38 -35.99
C THR A 275 16.17 13.68 -34.49
N MET A 276 15.60 14.82 -34.07
CA MET A 276 15.55 15.04 -32.62
C MET A 276 14.44 14.21 -31.96
N LEU A 277 13.36 13.90 -32.70
CA LEU A 277 12.31 13.05 -32.14
C LEU A 277 12.84 11.63 -31.89
N GLU A 278 13.59 11.07 -32.83
CA GLU A 278 14.18 9.76 -32.58
C GLU A 278 15.29 9.82 -31.51
N ALA A 279 16.01 10.94 -31.42
CA ALA A 279 17.08 11.09 -30.44
C ALA A 279 16.55 11.21 -29.02
N PHE A 280 15.51 12.03 -28.80
CA PHE A 280 15.14 12.45 -27.45
C PHE A 280 13.75 11.99 -26.99
N SER A 281 13.08 11.09 -27.70
CA SER A 281 11.82 10.57 -27.21
C SER A 281 11.58 9.13 -27.66
N ILE A 282 10.75 8.46 -26.89
CA ILE A 282 10.25 7.13 -27.18
C ILE A 282 8.78 7.30 -27.60
N TYR A 283 8.52 7.27 -28.90
CA TYR A 283 7.18 7.58 -29.41
C TYR A 283 6.67 6.56 -30.41
N GLY A 284 5.33 6.48 -30.51
CA GLY A 284 4.61 5.77 -31.54
C GLY A 284 3.57 4.86 -30.95
N THR A 285 3.18 3.83 -31.73
CA THR A 285 2.22 2.86 -31.23
C THR A 285 2.81 2.10 -30.04
N PRO A 286 1.94 1.44 -29.27
CA PRO A 286 2.42 0.47 -28.26
C PRO A 286 3.43 -0.54 -28.80
N GLU A 287 3.18 -1.12 -29.98
CA GLU A 287 4.16 -2.03 -30.57
C GLU A 287 5.48 -1.30 -30.83
N ASP A 288 5.42 -0.08 -31.39
CA ASP A 288 6.64 0.70 -31.61
C ASP A 288 7.42 0.89 -30.32
N VAL A 289 6.73 1.38 -29.29
CA VAL A 289 7.36 1.69 -28.01
C VAL A 289 7.93 0.42 -27.37
N VAL A 290 7.21 -0.70 -27.44
CA VAL A 290 7.74 -1.92 -26.85
C VAL A 290 9.08 -2.25 -27.48
N GLU A 291 9.15 -2.17 -28.82
CA GLU A 291 10.41 -2.45 -29.51
C GLU A 291 11.51 -1.51 -29.03
N LYS A 292 11.21 -0.20 -28.92
CA LYS A 292 12.21 0.76 -28.49
C LYS A 292 12.70 0.48 -27.06
N CYS A 293 11.79 0.06 -26.18
CA CYS A 293 12.19 -0.25 -24.81
C CYS A 293 13.13 -1.47 -24.77
N LYS A 294 12.93 -2.42 -25.68
CA LYS A 294 13.82 -3.58 -25.74
C LYS A 294 15.21 -3.17 -26.16
N LYS A 295 15.31 -2.25 -27.12
CA LYS A 295 16.61 -1.73 -27.49
C LYS A 295 17.27 -0.95 -26.36
N LEU A 296 16.48 -0.42 -25.41
CA LEU A 296 17.07 0.25 -24.26
C LEU A 296 17.56 -0.76 -23.26
N ALA A 297 16.78 -1.81 -23.05
CA ALA A 297 17.21 -2.87 -22.17
C ALA A 297 18.55 -3.44 -22.62
N GLU A 298 18.77 -3.49 -23.95
CA GLU A 298 20.01 -4.08 -24.47
C GLU A 298 21.25 -3.33 -23.99
N MET A 299 21.15 -2.00 -23.85
CA MET A 299 22.26 -1.19 -23.37
C MET A 299 22.45 -1.25 -21.87
N GLY A 300 21.57 -1.94 -21.16
CA GLY A 300 21.64 -2.00 -19.71
C GLY A 300 20.65 -1.14 -18.94
N VAL A 301 19.52 -0.75 -19.54
CA VAL A 301 18.46 -0.02 -18.82
C VAL A 301 17.58 -1.02 -18.09
N THR A 302 17.37 -0.79 -16.78
CA THR A 302 16.49 -1.63 -15.98
C THR A 302 15.21 -0.92 -15.49
N GLN A 303 15.07 0.38 -15.72
CA GLN A 303 13.82 1.08 -15.46
C GLN A 303 13.63 2.12 -16.54
N ILE A 304 12.43 2.16 -17.12
CA ILE A 304 12.07 3.23 -18.04
C ILE A 304 11.05 4.11 -17.33
N VAL A 305 11.32 5.41 -17.30
CA VAL A 305 10.38 6.39 -16.71
C VAL A 305 9.62 6.98 -17.87
N ALA A 306 8.32 6.71 -17.95
CA ALA A 306 7.44 7.22 -19.02
C ALA A 306 7.18 8.68 -18.73
N GLY A 307 8.13 9.54 -19.07
CA GLY A 307 8.04 10.97 -18.77
C GLY A 307 7.16 11.72 -19.72
N SER A 308 6.95 13.00 -19.47
CA SER A 308 6.04 13.86 -20.26
C SER A 308 6.43 13.86 -21.75
N PRO A 309 5.48 13.79 -22.69
CA PRO A 309 4.06 13.95 -22.38
C PRO A 309 3.32 12.66 -21.97
N ILE A 310 4.00 11.53 -21.92
CA ILE A 310 3.39 10.19 -21.65
C ILE A 310 2.61 9.85 -22.92
N GLY A 311 1.70 10.72 -23.34
CA GLY A 311 0.94 10.56 -24.60
C GLY A 311 0.19 11.83 -24.94
N PRO A 312 -0.50 11.89 -26.09
CA PRO A 312 -1.33 13.04 -26.43
C PRO A 312 -2.22 13.35 -25.22
N ASN A 313 -2.92 12.36 -24.69
CA ASN A 313 -3.68 12.46 -23.44
C ASN A 313 -3.05 11.59 -22.33
N LYS A 314 -2.71 12.20 -21.19
CA LYS A 314 -1.98 11.44 -20.18
C LYS A 314 -2.81 10.28 -19.67
N GLU A 315 -4.11 10.53 -19.46
CA GLU A 315 -4.97 9.51 -18.87
C GLU A 315 -5.09 8.32 -19.82
N THR A 316 -5.33 8.62 -21.10
CA THR A 316 -5.42 7.55 -22.10
C THR A 316 -4.11 6.82 -22.25
N ALA A 317 -3.01 7.56 -22.22
CA ALA A 317 -1.69 6.96 -22.39
C ALA A 317 -1.33 6.03 -21.24
N ILE A 318 -1.65 6.45 -19.99
CA ILE A 318 -1.34 5.59 -18.86
C ILE A 318 -2.05 4.25 -19.02
N LYS A 319 -3.30 4.29 -19.48
CA LYS A 319 -4.06 3.05 -19.62
C LYS A 319 -3.50 2.19 -20.75
N LEU A 320 -3.13 2.81 -21.87
CA LEU A 320 -2.57 2.06 -23.00
C LEU A 320 -1.23 1.42 -22.63
N ILE A 321 -0.37 2.18 -21.95
CA ILE A 321 0.88 1.59 -21.44
C ILE A 321 0.57 0.46 -20.50
N GLY A 322 -0.43 0.66 -19.63
CA GLY A 322 -0.81 -0.43 -18.76
C GLY A 322 -1.27 -1.68 -19.51
N LYS A 323 -2.01 -1.48 -20.60
CA LYS A 323 -2.62 -2.62 -21.27
C LYS A 323 -1.68 -3.28 -22.27
N LYS A 324 -0.92 -2.47 -23.01
CA LYS A 324 -0.21 -2.88 -24.21
C LYS A 324 1.32 -2.74 -24.14
N VAL A 325 1.90 -2.16 -23.09
CA VAL A 325 3.33 -1.97 -23.09
C VAL A 325 3.95 -2.70 -21.93
N ILE A 326 3.50 -2.39 -20.71
CA ILE A 326 4.12 -2.97 -19.53
C ILE A 326 4.06 -4.49 -19.58
N PRO A 327 2.92 -5.11 -19.92
CA PRO A 327 2.88 -6.58 -19.88
C PRO A 327 3.84 -7.23 -20.84
N ALA A 328 4.11 -6.59 -21.97
CA ALA A 328 5.02 -7.18 -22.95
C ALA A 328 6.45 -7.20 -22.43
N LEU A 329 6.84 -6.22 -21.63
CA LEU A 329 8.22 -6.06 -21.17
C LEU A 329 8.45 -6.64 -19.80
N LYS A 330 7.55 -7.49 -19.34
CA LYS A 330 7.57 -7.90 -17.94
C LYS A 330 8.19 -9.29 -17.89
N GLU A 331 9.50 -9.30 -17.69
CA GLU A 331 10.25 -10.51 -17.39
C GLU A 331 9.42 -11.61 -16.74
N MET B 1 1.36 -18.03 11.80
CA MET B 1 0.02 -17.55 12.27
C MET B 1 -0.14 -16.14 11.75
N LYS B 2 -1.32 -15.84 11.24
CA LYS B 2 -1.69 -14.49 10.79
C LYS B 2 -2.47 -13.79 11.89
N PHE B 3 -2.23 -12.50 12.09
CA PHE B 3 -2.95 -11.76 13.10
C PHE B 3 -3.88 -10.75 12.46
N GLY B 4 -5.08 -10.66 13.06
CA GLY B 4 -6.01 -9.61 12.74
C GLY B 4 -6.21 -8.70 13.95
N ILE B 5 -6.81 -7.57 13.68
CA ILE B 5 -7.20 -6.60 14.69
C ILE B 5 -8.61 -6.20 14.34
N GLU B 6 -9.41 -5.85 15.37
CA GLU B 6 -10.81 -5.49 15.14
C GLU B 6 -11.11 -4.21 15.89
N PHE B 7 -11.97 -3.37 15.31
CA PHE B 7 -12.39 -2.15 15.98
C PHE B 7 -13.84 -1.90 15.70
N VAL B 8 -14.51 -1.44 16.75
CA VAL B 8 -15.79 -0.75 16.62
C VAL B 8 -15.52 0.71 16.26
N PRO B 9 -16.11 1.23 15.20
CA PRO B 9 -15.93 2.63 14.80
C PRO B 9 -16.78 3.55 15.67
N ASN B 10 -16.48 3.55 16.97
CA ASN B 10 -17.21 4.33 17.96
C ASN B 10 -16.40 5.48 18.52
N GLU B 11 -15.36 5.89 17.80
CA GLU B 11 -14.55 7.03 18.16
C GLU B 11 -14.33 7.81 16.86
N PRO B 12 -13.83 9.04 16.88
CA PRO B 12 -13.56 9.69 15.59
C PRO B 12 -12.64 8.83 14.73
N ILE B 13 -13.06 8.67 13.50
CA ILE B 13 -12.37 7.81 12.54
C ILE B 13 -10.88 8.13 12.47
N GLN B 14 -10.48 9.37 12.71
CA GLN B 14 -9.04 9.62 12.70
C GLN B 14 -8.33 8.80 13.76
N LYS B 15 -8.94 8.64 14.94
CA LYS B 15 -8.29 7.83 15.95
C LYS B 15 -8.17 6.38 15.47
N LEU B 16 -9.23 5.89 14.87
CA LEU B 16 -9.22 4.52 14.35
C LEU B 16 -8.13 4.38 13.29
N CYS B 17 -7.98 5.38 12.42
CA CYS B 17 -6.95 5.32 11.38
C CYS B 17 -5.56 5.23 11.98
N TYR B 18 -5.36 5.90 13.11
CA TYR B 18 -4.10 5.77 13.82
C TYR B 18 -3.91 4.35 14.32
N TYR B 19 -4.91 3.80 15.00
CA TYR B 19 -4.72 2.45 15.51
C TYR B 19 -4.40 1.46 14.38
N VAL B 20 -5.08 1.56 13.26
CA VAL B 20 -4.88 0.54 12.24
C VAL B 20 -3.51 0.70 11.60
N LYS B 21 -3.08 1.94 11.34
CA LYS B 21 -1.76 2.14 10.77
C LYS B 21 -0.70 1.65 11.73
N LEU B 22 -0.91 1.88 13.03
CA LEU B 22 -0.05 1.31 14.04
C LEU B 22 -0.08 -0.20 13.92
N ALA B 23 -1.27 -0.80 13.71
CA ALA B 23 -1.31 -2.26 13.57
C ALA B 23 -0.54 -2.71 12.33
N GLU B 24 -0.72 -2.05 11.20
CA GLU B 24 0.09 -2.41 10.03
C GLU B 24 1.58 -2.32 10.33
N ASP B 25 2.02 -1.26 11.01
CA ASP B 25 3.46 -1.10 11.21
C ASP B 25 3.98 -2.28 12.02
N ASN B 26 3.09 -2.86 12.84
CA ASN B 26 3.44 -3.92 13.78
C ASN B 26 3.16 -5.30 13.26
N GLY B 27 2.93 -5.43 11.94
CA GLY B 27 2.79 -6.70 11.26
C GLY B 27 1.45 -7.39 11.35
N PHE B 28 0.38 -6.71 11.75
CA PHE B 28 -0.95 -7.30 11.60
C PHE B 28 -1.30 -7.37 10.13
N GLU B 29 -2.01 -8.43 9.70
CA GLU B 29 -2.36 -8.62 8.30
C GLU B 29 -3.83 -8.40 7.97
N TYR B 30 -4.72 -8.32 8.96
CA TYR B 30 -6.13 -8.11 8.70
C TYR B 30 -6.68 -7.04 9.63
N CYS B 31 -7.59 -6.23 9.11
CA CYS B 31 -8.28 -5.19 9.86
C CYS B 31 -9.77 -5.37 9.68
N TRP B 32 -10.47 -5.64 10.78
CA TRP B 32 -11.90 -5.92 10.76
C TRP B 32 -12.68 -4.87 11.53
N ILE B 33 -13.59 -4.18 10.86
CA ILE B 33 -14.40 -3.11 11.44
C ILE B 33 -15.84 -3.60 11.56
N THR B 34 -16.40 -3.48 12.77
CA THR B 34 -17.79 -3.86 12.95
C THR B 34 -18.72 -2.90 12.25
N ASP B 35 -19.90 -3.42 11.92
CA ASP B 35 -20.96 -2.75 11.16
C ASP B 35 -22.25 -2.78 11.99
N HIS B 36 -22.61 -1.64 12.58
CA HIS B 36 -23.88 -1.46 13.29
C HIS B 36 -24.38 -0.07 12.99
N TYR B 37 -25.69 0.03 12.78
CA TYR B 37 -26.28 1.28 12.31
C TYR B 37 -26.01 2.42 13.29
N ASN B 38 -25.70 2.13 14.56
CA ASN B 38 -25.64 3.23 15.52
C ASN B 38 -24.27 3.88 15.58
N ASN B 39 -23.25 3.31 14.91
CA ASN B 39 -21.88 3.78 15.02
C ASN B 39 -21.52 4.48 13.72
N ARG B 40 -20.28 4.95 13.62
CA ARG B 40 -19.85 5.49 12.35
C ARG B 40 -20.01 4.40 11.30
N ASN B 41 -20.35 4.81 10.11
CA ASN B 41 -20.58 3.90 9.01
C ASN B 41 -19.30 3.14 8.64
N VAL B 42 -19.42 1.81 8.47
CA VAL B 42 -18.27 0.92 8.32
C VAL B 42 -17.48 1.23 7.05
N TYR B 43 -18.14 1.48 5.94
CA TYR B 43 -17.41 1.69 4.70
C TYR B 43 -16.74 3.06 4.67
N MET B 44 -17.38 4.04 5.29
CA MET B 44 -16.72 5.35 5.39
C MET B 44 -15.50 5.26 6.28
N ALA B 45 -15.57 4.47 7.35
CA ALA B 45 -14.38 4.25 8.16
C ALA B 45 -13.31 3.50 7.36
N LEU B 46 -13.72 2.50 6.56
CA LEU B 46 -12.73 1.72 5.78
C LEU B 46 -12.11 2.54 4.66
N THR B 47 -12.85 3.48 4.07
CA THR B 47 -12.22 4.44 3.15
C THR B 47 -11.07 5.19 3.82
N ALA B 48 -11.33 5.77 5.00
CA ALA B 48 -10.28 6.56 5.65
C ALA B 48 -9.12 5.67 6.06
N ILE B 49 -9.42 4.47 6.57
CA ILE B 49 -8.38 3.50 6.90
C ILE B 49 -7.55 3.17 5.67
N ALA B 50 -8.21 2.92 4.52
CA ALA B 50 -7.48 2.64 3.29
C ALA B 50 -6.50 3.76 2.97
N MET B 51 -6.95 5.01 3.14
CA MET B 51 -6.05 6.10 2.76
C MET B 51 -4.87 6.26 3.67
N ASN B 52 -4.95 5.75 4.90
CA ASN B 52 -3.87 5.83 5.86
C ASN B 52 -3.02 4.57 5.95
N THR B 53 -3.28 3.56 5.09
CA THR B 53 -2.62 2.27 5.16
C THR B 53 -2.18 1.87 3.75
N ASN B 54 -1.40 0.78 3.70
CA ASN B 54 -0.71 0.43 2.45
C ASN B 54 -0.74 -1.06 2.13
N LYS B 55 -0.66 -1.92 3.17
CA LYS B 55 -0.52 -3.35 3.03
C LYS B 55 -1.60 -4.17 3.72
N ILE B 56 -2.14 -3.68 4.83
CA ILE B 56 -3.01 -4.51 5.66
C ILE B 56 -4.31 -4.77 4.91
N LYS B 57 -4.79 -6.03 4.97
CA LYS B 57 -6.13 -6.31 4.45
C LYS B 57 -7.20 -5.67 5.33
N LEU B 58 -8.28 -5.25 4.72
CA LEU B 58 -9.33 -4.64 5.52
C LEU B 58 -10.68 -4.92 4.90
N GLY B 59 -11.71 -4.89 5.75
CA GLY B 59 -13.07 -4.86 5.30
C GLY B 59 -14.00 -5.01 6.50
N PRO B 60 -15.30 -5.11 6.24
CA PRO B 60 -16.23 -5.22 7.36
C PRO B 60 -16.05 -6.52 8.10
N GLY B 61 -16.16 -6.45 9.42
CA GLY B 61 -16.09 -7.64 10.25
C GLY B 61 -17.15 -7.61 11.34
N VAL B 62 -18.43 -7.88 11.03
CA VAL B 62 -18.91 -8.32 9.72
C VAL B 62 -20.14 -7.57 9.36
N THR B 63 -20.46 -7.45 8.07
CA THR B 63 -21.71 -6.86 7.59
C THR B 63 -22.77 -7.96 7.51
N ASN B 64 -23.90 -7.70 6.89
CA ASN B 64 -24.92 -8.74 6.86
C ASN B 64 -25.85 -8.48 5.70
N PRO B 65 -26.71 -9.45 5.35
CA PRO B 65 -27.51 -9.32 4.12
C PRO B 65 -28.66 -8.35 4.21
N TYR B 66 -28.95 -7.83 5.42
CA TYR B 66 -30.24 -7.19 5.68
C TYR B 66 -30.16 -5.66 5.74
N VAL B 67 -29.11 -5.07 6.31
CA VAL B 67 -29.14 -3.61 6.52
C VAL B 67 -28.85 -2.83 5.27
N ARG B 68 -28.31 -3.50 4.23
CA ARG B 68 -28.15 -2.99 2.88
C ARG B 68 -28.42 -4.13 1.91
N SER B 69 -28.95 -3.79 0.73
CA SER B 69 -29.07 -4.77 -0.34
C SER B 69 -27.72 -5.46 -0.58
N PRO B 70 -27.68 -6.80 -0.76
CA PRO B 70 -26.38 -7.41 -1.09
C PRO B 70 -25.74 -6.77 -2.31
N ALA B 71 -26.51 -6.18 -3.21
CA ALA B 71 -25.95 -5.49 -4.36
C ALA B 71 -25.12 -4.28 -3.93
N ILE B 72 -25.61 -3.58 -2.91
CA ILE B 72 -24.90 -2.43 -2.39
C ILE B 72 -23.63 -2.89 -1.70
N THR B 73 -23.73 -3.93 -0.88
CA THR B 73 -22.53 -4.51 -0.29
C THR B 73 -21.49 -4.86 -1.34
N ALA B 74 -21.92 -5.47 -2.43
CA ALA B 74 -20.91 -5.92 -3.39
C ALA B 74 -20.16 -4.71 -3.94
N SER B 75 -20.90 -3.66 -4.27
CA SER B 75 -20.35 -2.43 -4.85
C SER B 75 -19.45 -1.68 -3.87
N ALA B 76 -19.81 -1.72 -2.58
CA ALA B 76 -18.99 -1.16 -1.51
C ALA B 76 -17.67 -1.91 -1.39
N ILE B 77 -17.74 -3.23 -1.46
CA ILE B 77 -16.52 -4.01 -1.36
C ILE B 77 -15.64 -3.76 -2.57
N ALA B 78 -16.23 -3.69 -3.76
CA ALA B 78 -15.45 -3.39 -4.96
C ALA B 78 -14.76 -2.01 -4.86
N THR B 79 -15.48 -1.00 -4.35
CA THR B 79 -14.90 0.34 -4.20
C THR B 79 -13.71 0.30 -3.26
N LEU B 80 -13.82 -0.44 -2.16
CA LEU B 80 -12.75 -0.55 -1.19
C LEU B 80 -11.56 -1.24 -1.81
N ASP B 81 -11.82 -2.26 -2.65
CA ASP B 81 -10.71 -3.02 -3.22
C ASP B 81 -9.96 -2.16 -4.19
N GLU B 82 -10.69 -1.42 -5.02
CA GLU B 82 -10.09 -0.45 -5.92
C GLU B 82 -9.23 0.54 -5.15
N LEU B 83 -9.80 1.19 -4.12
CA LEU B 83 -9.09 2.26 -3.42
C LEU B 83 -7.82 1.74 -2.77
N SER B 84 -7.89 0.56 -2.14
CA SER B 84 -6.80 -0.04 -1.40
C SER B 84 -5.79 -0.81 -2.29
N GLY B 85 -6.00 -0.90 -3.58
CA GLY B 85 -5.06 -1.61 -4.42
C GLY B 85 -5.12 -3.12 -4.25
N GLY B 86 -6.32 -3.67 -4.04
CA GLY B 86 -6.50 -5.12 -3.97
C GLY B 86 -6.40 -5.74 -2.59
N ARG B 87 -6.78 -5.02 -1.51
CA ARG B 87 -6.64 -5.46 -0.14
C ARG B 87 -7.95 -5.75 0.59
N ALA B 88 -9.06 -5.63 -0.07
CA ALA B 88 -10.34 -5.86 0.58
C ALA B 88 -10.56 -7.31 0.95
N VAL B 89 -11.27 -7.50 2.06
CA VAL B 89 -11.87 -8.78 2.47
C VAL B 89 -13.31 -8.49 2.90
N LEU B 90 -14.23 -9.42 2.63
CA LEU B 90 -15.65 -9.22 2.95
C LEU B 90 -15.98 -10.14 4.11
N GLY B 91 -16.12 -9.56 5.31
CA GLY B 91 -16.66 -10.29 6.44
C GLY B 91 -18.17 -10.14 6.43
N ILE B 92 -18.89 -11.27 6.50
CA ILE B 92 -20.35 -11.20 6.36
C ILE B 92 -20.99 -12.26 7.24
N GLY B 93 -22.09 -11.87 7.91
CA GLY B 93 -22.78 -12.70 8.85
C GLY B 93 -24.27 -12.44 8.81
N PRO B 94 -25.03 -13.14 9.65
CA PRO B 94 -26.50 -13.02 9.60
C PRO B 94 -27.03 -11.84 10.36
N GLY B 95 -26.26 -11.28 11.30
CA GLY B 95 -26.75 -10.18 12.10
C GLY B 95 -27.35 -10.73 13.37
N ASP B 96 -28.38 -10.08 13.89
CA ASP B 96 -28.91 -10.43 15.22
C ASP B 96 -30.36 -9.98 15.28
N LYS B 97 -31.14 -10.64 16.15
CA LYS B 97 -32.57 -10.36 16.21
C LYS B 97 -32.86 -8.99 16.84
N ALA B 98 -32.08 -8.61 17.86
CA ALA B 98 -32.32 -7.33 18.53
C ALA B 98 -32.29 -6.16 17.54
N THR B 99 -31.31 -6.17 16.63
CA THR B 99 -31.18 -5.11 15.64
C THR B 99 -32.38 -5.04 14.71
N PHE B 100 -32.73 -6.17 14.09
CA PHE B 100 -33.73 -6.12 13.04
C PHE B 100 -35.13 -5.89 13.62
N ASP B 101 -35.35 -6.29 14.87
CA ASP B 101 -36.57 -5.87 15.59
C ASP B 101 -36.60 -4.35 15.71
N ALA B 102 -35.54 -3.77 16.26
CA ALA B 102 -35.40 -2.31 16.35
C ALA B 102 -35.61 -1.62 15.00
N LEU B 103 -35.05 -2.16 13.92
CA LEU B 103 -35.15 -1.53 12.61
C LEU B 103 -36.39 -1.95 11.84
N GLY B 104 -37.19 -2.87 12.36
CA GLY B 104 -38.38 -3.23 11.61
C GLY B 104 -38.04 -4.12 10.43
N ILE B 105 -37.10 -5.02 10.59
CA ILE B 105 -36.59 -5.91 9.51
C ILE B 105 -36.89 -7.35 9.87
N GLU B 106 -37.37 -8.14 8.91
CA GLU B 106 -37.67 -9.56 9.15
C GLU B 106 -36.38 -10.36 9.09
N TRP B 107 -36.14 -11.19 10.09
CA TRP B 107 -34.94 -12.03 10.25
C TRP B 107 -35.11 -13.30 9.42
N VAL B 108 -35.46 -13.19 8.14
CA VAL B 108 -35.78 -14.35 7.25
C VAL B 108 -34.65 -15.39 7.28
N LYS B 109 -34.98 -16.66 7.13
CA LYS B 109 -34.01 -17.78 7.13
C LYS B 109 -32.57 -17.24 7.16
N PRO B 110 -31.97 -17.05 8.33
CA PRO B 110 -30.59 -16.61 8.39
C PRO B 110 -29.62 -17.40 7.50
N VAL B 111 -29.56 -18.73 7.61
CA VAL B 111 -28.57 -19.56 6.87
C VAL B 111 -28.79 -19.41 5.37
N THR B 112 -30.02 -19.58 4.89
CA THR B 112 -30.27 -19.49 3.46
C THR B 112 -29.98 -18.10 2.93
N THR B 113 -30.50 -17.06 3.59
CA THR B 113 -30.33 -15.70 3.10
C THR B 113 -28.84 -15.35 2.96
N LEU B 114 -28.03 -15.80 3.91
CA LEU B 114 -26.60 -15.58 3.90
C LEU B 114 -25.93 -16.32 2.75
N LYS B 115 -26.11 -17.66 2.69
CA LYS B 115 -25.60 -18.46 1.58
C LYS B 115 -25.87 -17.78 0.26
N GLU B 116 -27.11 -17.36 0.04
CA GLU B 116 -27.52 -16.81 -1.24
C GLU B 116 -27.03 -15.38 -1.46
N SER B 117 -26.93 -14.59 -0.40
CA SER B 117 -26.37 -13.26 -0.56
C SER B 117 -24.92 -13.37 -1.01
N ILE B 118 -24.19 -14.32 -0.41
CA ILE B 118 -22.79 -14.53 -0.75
C ILE B 118 -22.63 -14.96 -2.20
N GLU B 119 -23.44 -15.93 -2.65
CA GLU B 119 -23.31 -16.33 -4.05
C GLU B 119 -23.60 -15.16 -4.96
N VAL B 120 -24.59 -14.34 -4.62
CA VAL B 120 -24.89 -13.20 -5.49
C VAL B 120 -23.77 -12.15 -5.43
N ILE B 121 -23.15 -11.98 -4.26
CA ILE B 121 -22.11 -10.95 -4.13
C ILE B 121 -20.87 -11.37 -4.95
N ARG B 122 -20.46 -12.63 -4.81
CA ARG B 122 -19.34 -13.16 -5.62
C ARG B 122 -19.56 -12.97 -7.12
N LYS B 123 -20.76 -13.22 -7.61
CA LYS B 123 -21.00 -13.07 -9.04
C LYS B 123 -20.97 -11.62 -9.49
N LEU B 124 -21.55 -10.70 -8.70
CA LEU B 124 -21.51 -9.29 -9.10
C LEU B 124 -20.07 -8.77 -9.12
N LEU B 125 -19.28 -9.19 -8.14
CA LEU B 125 -17.87 -8.81 -8.06
C LEU B 125 -17.08 -9.35 -9.24
N ALA B 126 -17.53 -10.45 -9.83
CA ALA B 126 -16.87 -11.02 -11.00
C ALA B 126 -17.23 -10.28 -12.26
N GLY B 127 -18.11 -9.26 -12.20
CA GLY B 127 -18.49 -8.54 -13.37
C GLY B 127 -19.53 -9.25 -14.24
N GLU B 128 -20.21 -10.24 -13.68
CA GLU B 128 -21.27 -11.00 -14.33
C GLU B 128 -22.60 -10.24 -14.25
N ARG B 129 -23.42 -10.37 -15.29
CA ARG B 129 -24.84 -10.04 -15.12
C ARG B 129 -25.49 -11.15 -14.30
N VAL B 130 -26.27 -10.76 -13.32
CA VAL B 130 -26.74 -11.73 -12.35
C VAL B 130 -28.25 -11.78 -12.47
N SER B 131 -28.75 -13.00 -12.68
CA SER B 131 -30.18 -13.34 -12.64
C SER B 131 -30.26 -14.53 -11.72
N TYR B 132 -30.79 -14.32 -10.54
CA TYR B 132 -30.63 -15.28 -9.47
C TYR B 132 -31.96 -15.32 -8.74
N GLU B 133 -32.71 -16.40 -8.89
CA GLU B 133 -33.99 -16.56 -8.23
C GLU B 133 -33.79 -17.57 -7.11
N GLY B 134 -33.26 -17.09 -5.98
CA GLY B 134 -33.12 -17.93 -4.82
C GLY B 134 -34.43 -18.03 -4.07
N LYS B 135 -34.35 -18.74 -2.93
CA LYS B 135 -35.46 -18.79 -1.99
C LYS B 135 -35.75 -17.40 -1.41
N VAL B 136 -34.70 -16.74 -0.90
CA VAL B 136 -34.82 -15.42 -0.28
C VAL B 136 -34.34 -14.32 -1.23
N VAL B 137 -33.13 -14.44 -1.74
CA VAL B 137 -32.53 -13.39 -2.55
C VAL B 137 -32.94 -13.56 -4.00
N LYS B 138 -33.49 -12.50 -4.60
CA LYS B 138 -33.95 -12.57 -5.99
C LYS B 138 -33.48 -11.36 -6.78
N ILE B 139 -32.60 -11.60 -7.79
CA ILE B 139 -31.98 -10.58 -8.64
C ILE B 139 -32.40 -10.79 -10.07
N ALA B 140 -32.52 -9.69 -10.83
CA ALA B 140 -33.02 -9.75 -12.20
C ALA B 140 -32.25 -8.75 -13.07
N GLY B 141 -31.14 -9.22 -13.65
CA GLY B 141 -30.44 -8.38 -14.59
C GLY B 141 -29.57 -7.32 -13.96
N ALA B 142 -29.11 -7.50 -12.73
CA ALA B 142 -28.22 -6.53 -12.09
C ALA B 142 -26.77 -6.76 -12.50
N ALA B 143 -26.03 -5.67 -12.68
CA ALA B 143 -24.60 -5.73 -12.96
C ALA B 143 -23.89 -4.53 -12.35
N LEU B 144 -22.65 -4.75 -11.92
CA LEU B 144 -21.79 -3.64 -11.52
C LEU B 144 -21.08 -3.02 -12.70
N ALA B 145 -20.93 -1.68 -12.63
CA ALA B 145 -19.95 -0.99 -13.43
C ALA B 145 -18.57 -0.95 -12.77
N VAL B 146 -18.51 -0.91 -11.42
CA VAL B 146 -17.24 -0.82 -10.69
C VAL B 146 -16.71 -2.25 -10.54
N LYS B 147 -15.41 -2.39 -10.65
CA LYS B 147 -14.74 -3.68 -10.59
C LYS B 147 -13.78 -3.70 -9.44
N PRO B 148 -13.66 -4.81 -8.73
CA PRO B 148 -12.55 -4.99 -7.79
C PRO B 148 -11.24 -5.18 -8.55
N ILE B 149 -10.16 -5.09 -7.79
CA ILE B 149 -8.85 -5.38 -8.38
C ILE B 149 -8.53 -6.87 -8.26
N GLN B 150 -8.85 -7.49 -7.14
CA GLN B 150 -8.62 -8.91 -6.99
C GLN B 150 -9.59 -9.65 -7.89
N LYS B 151 -9.15 -10.80 -8.42
CA LYS B 151 -10.07 -11.60 -9.24
C LYS B 151 -11.20 -12.16 -8.38
N ALA B 152 -10.88 -12.64 -7.17
CA ALA B 152 -11.87 -13.13 -6.19
C ALA B 152 -11.63 -12.46 -4.82
N VAL B 153 -12.42 -11.45 -4.48
CA VAL B 153 -12.35 -10.89 -3.14
C VAL B 153 -12.68 -11.98 -2.14
N PRO B 154 -11.81 -12.27 -1.18
CA PRO B 154 -12.17 -13.26 -0.15
C PRO B 154 -13.43 -12.92 0.63
N VAL B 155 -14.20 -13.99 0.95
CA VAL B 155 -15.40 -13.87 1.78
C VAL B 155 -15.21 -14.70 3.03
N TYR B 156 -15.22 -14.03 4.19
CA TYR B 156 -15.11 -14.64 5.48
C TYR B 156 -16.50 -14.62 6.14
N MET B 157 -16.95 -15.77 6.62
CA MET B 157 -18.26 -15.88 7.25
C MET B 157 -18.12 -15.84 8.77
N GLY B 158 -19.01 -15.10 9.42
CA GLY B 158 -19.17 -15.29 10.86
C GLY B 158 -20.10 -16.48 11.11
N ALA B 159 -19.64 -17.42 11.94
CA ALA B 159 -20.39 -18.65 12.21
C ALA B 159 -20.19 -19.13 13.64
N GLN B 160 -21.27 -19.24 14.41
CA GLN B 160 -21.23 -19.80 15.80
C GLN B 160 -22.06 -21.09 15.80
N GLY B 161 -23.19 -21.11 15.09
CA GLY B 161 -24.11 -22.25 15.08
C GLY B 161 -23.70 -23.37 14.14
N PRO B 162 -24.22 -24.60 14.30
CA PRO B 162 -23.78 -25.74 13.50
C PRO B 162 -23.97 -25.60 12.00
N LYS B 163 -25.14 -25.18 11.57
CA LYS B 163 -25.44 -25.06 10.13
C LYS B 163 -24.50 -24.03 9.50
N MET B 164 -24.22 -22.92 10.19
CA MET B 164 -23.40 -21.81 9.63
C MET B 164 -21.97 -22.31 9.47
N LEU B 165 -21.46 -23.04 10.46
CA LEU B 165 -20.10 -23.59 10.41
C LEU B 165 -20.00 -24.49 9.18
N GLU B 166 -21.03 -25.29 8.90
CA GLU B 166 -21.02 -26.24 7.76
C GLU B 166 -21.21 -25.47 6.46
N THR B 167 -22.16 -24.55 6.43
CA THR B 167 -22.41 -23.71 5.24
C THR B 167 -21.12 -22.97 4.91
N ALA B 168 -20.33 -22.62 5.93
CA ALA B 168 -19.08 -21.87 5.74
C ALA B 168 -18.07 -22.78 5.06
N GLY B 169 -17.98 -24.02 5.54
CA GLY B 169 -17.07 -25.00 4.93
C GLY B 169 -17.37 -25.18 3.47
N MET B 170 -18.61 -24.93 3.05
CA MET B 170 -19.04 -25.19 1.66
C MET B 170 -18.80 -24.00 0.75
N ILE B 171 -18.84 -22.77 1.27
CA ILE B 171 -18.76 -21.55 0.41
C ILE B 171 -17.66 -20.59 0.87
N ALA B 172 -17.48 -20.36 2.15
CA ALA B 172 -16.57 -19.33 2.70
C ALA B 172 -15.09 -19.57 2.42
N ASP B 173 -14.36 -18.50 2.12
CA ASP B 173 -12.90 -18.55 1.92
C ASP B 173 -12.29 -18.51 3.31
N GLY B 174 -13.09 -18.15 4.30
CA GLY B 174 -12.63 -18.07 5.70
C GLY B 174 -13.80 -18.08 6.65
N VAL B 175 -13.56 -18.32 7.92
CA VAL B 175 -14.65 -18.38 8.92
C VAL B 175 -14.21 -17.61 10.17
N LEU B 176 -14.97 -16.62 10.59
CA LEU B 176 -14.70 -15.88 11.83
C LEU B 176 -15.57 -16.49 12.93
N ILE B 177 -14.95 -17.07 13.94
CA ILE B 177 -15.68 -17.69 15.07
C ILE B 177 -15.35 -16.91 16.34
N ASN B 178 -16.36 -16.40 17.03
CA ASN B 178 -16.16 -15.64 18.28
C ASN B 178 -15.78 -16.64 19.37
N ALA B 179 -14.51 -17.04 19.39
CA ALA B 179 -14.00 -18.00 20.38
C ALA B 179 -12.54 -17.67 20.68
N SER B 180 -12.03 -18.15 21.81
CA SER B 180 -10.66 -17.83 22.26
C SER B 180 -9.94 -19.05 22.80
N ASN B 181 -10.61 -20.19 22.98
CA ASN B 181 -10.02 -21.36 23.64
C ASN B 181 -9.96 -22.57 22.71
N PRO B 182 -8.90 -23.37 22.77
CA PRO B 182 -8.79 -24.49 21.80
C PRO B 182 -9.97 -25.44 21.77
N LYS B 183 -10.73 -25.61 22.86
CA LYS B 183 -11.82 -26.58 22.81
C LYS B 183 -12.93 -26.12 21.87
N ASP B 184 -13.18 -24.80 21.82
CA ASP B 184 -14.20 -24.26 20.94
C ASP B 184 -13.96 -24.67 19.49
N PHE B 185 -12.70 -24.80 19.08
CA PHE B 185 -12.36 -25.14 17.71
C PHE B 185 -12.28 -26.64 17.45
N GLU B 186 -11.90 -27.43 18.46
CA GLU B 186 -11.99 -28.88 18.37
C GLU B 186 -13.40 -29.32 17.97
N ALA B 187 -14.42 -28.61 18.45
CA ALA B 187 -15.80 -28.89 18.09
C ALA B 187 -16.15 -28.34 16.71
N ALA B 188 -15.86 -27.05 16.48
CA ALA B 188 -16.41 -26.34 15.32
C ALA B 188 -15.73 -26.73 14.00
N ILE B 189 -14.43 -27.03 14.02
CA ILE B 189 -13.72 -27.31 12.77
C ILE B 189 -14.27 -28.56 12.08
N PRO B 190 -14.47 -29.69 12.76
CA PRO B 190 -15.15 -30.81 12.09
C PRO B 190 -16.44 -30.40 11.41
N LEU B 191 -17.22 -29.51 12.04
CA LEU B 191 -18.43 -29.03 11.41
C LEU B 191 -18.12 -28.27 10.12
N ILE B 192 -17.03 -27.49 10.13
CA ILE B 192 -16.64 -26.83 8.89
C ILE B 192 -16.13 -27.87 7.89
N LYS B 193 -15.29 -28.81 8.35
CA LYS B 193 -14.79 -29.86 7.48
C LYS B 193 -15.92 -30.63 6.82
N LYS B 194 -16.94 -31.00 7.60
CA LYS B 194 -18.09 -31.68 7.02
C LYS B 194 -18.61 -30.90 5.80
N GLY B 195 -18.78 -29.58 5.95
CA GLY B 195 -19.22 -28.76 4.85
C GLY B 195 -18.23 -28.71 3.70
N ALA B 196 -16.93 -28.73 4.02
CA ALA B 196 -15.88 -28.59 3.00
C ALA B 196 -15.66 -29.88 2.22
N GLU B 197 -15.65 -31.03 2.92
CA GLU B 197 -15.63 -32.30 2.21
C GLU B 197 -16.89 -32.45 1.34
N ALA B 198 -18.07 -32.13 1.91
CA ALA B 198 -19.30 -32.14 1.14
C ALA B 198 -19.15 -31.46 -0.22
N ALA B 199 -18.64 -30.22 -0.24
CA ALA B 199 -18.63 -29.38 -1.44
C ALA B 199 -17.39 -29.59 -2.30
N GLY B 200 -16.53 -30.55 -1.93
CA GLY B 200 -15.38 -30.89 -2.74
C GLY B 200 -14.14 -30.08 -2.42
N ARG B 201 -14.09 -29.46 -1.27
CA ARG B 201 -13.04 -28.50 -0.97
C ARG B 201 -12.12 -29.04 0.10
N SER B 202 -10.84 -28.78 -0.08
CA SER B 202 -9.85 -29.02 0.95
C SER B 202 -9.93 -27.91 2.00
N MET B 203 -9.48 -28.24 3.22
CA MET B 203 -9.39 -27.24 4.27
C MET B 203 -8.24 -26.25 4.05
N ASP B 204 -7.39 -26.46 3.04
CA ASP B 204 -6.38 -25.48 2.68
C ASP B 204 -6.97 -24.22 2.06
N GLU B 205 -8.24 -24.24 1.69
CA GLU B 205 -8.89 -23.11 1.07
C GLU B 205 -9.57 -22.19 2.09
N ILE B 206 -9.42 -22.46 3.39
CA ILE B 206 -10.30 -21.93 4.42
C ILE B 206 -9.46 -21.41 5.58
N ASP B 207 -9.48 -20.09 5.79
CA ASP B 207 -8.79 -19.43 6.90
C ASP B 207 -9.74 -19.48 8.09
N VAL B 208 -9.48 -20.41 9.00
CA VAL B 208 -10.22 -20.49 10.26
C VAL B 208 -9.69 -19.41 11.19
N ALA B 209 -10.55 -18.45 11.55
CA ALA B 209 -10.12 -17.26 12.30
C ALA B 209 -10.73 -17.24 13.70
N ALA B 210 -9.85 -17.13 14.71
CA ALA B 210 -10.25 -16.96 16.11
C ALA B 210 -10.51 -15.48 16.38
N TYR B 211 -11.78 -15.08 16.38
CA TYR B 211 -12.16 -13.71 16.76
C TYR B 211 -12.16 -13.62 18.27
N ALA B 212 -10.97 -13.44 18.83
CA ALA B 212 -10.70 -13.62 20.24
C ALA B 212 -10.80 -12.31 21.04
N CYS B 213 -11.04 -12.42 22.34
CA CYS B 213 -10.73 -11.37 23.33
C CYS B 213 -9.29 -11.53 23.77
N MET B 214 -8.43 -10.60 23.38
CA MET B 214 -7.00 -10.67 23.76
C MET B 214 -6.69 -9.60 24.81
N SER B 215 -5.74 -9.88 25.69
CA SER B 215 -5.30 -8.90 26.68
C SER B 215 -3.88 -9.25 27.06
N VAL B 216 -2.93 -8.52 26.51
CA VAL B 216 -1.52 -8.79 26.72
C VAL B 216 -0.88 -7.55 27.33
N ASP B 217 -0.06 -7.77 28.36
CA ASP B 217 0.68 -6.72 29.04
C ASP B 217 1.99 -7.34 29.49
N LYS B 218 2.99 -6.52 29.76
CA LYS B 218 4.31 -7.00 30.25
C LYS B 218 4.13 -7.60 31.65
N ASN B 219 3.04 -7.24 32.33
CA ASN B 219 2.73 -7.72 33.67
C ASN B 219 1.52 -8.64 33.56
N ALA B 220 1.72 -9.93 33.90
CA ALA B 220 0.65 -10.91 33.71
C ALA B 220 -0.64 -10.47 34.37
N ASP B 221 -0.56 -9.89 35.57
CA ASP B 221 -1.79 -9.62 36.33
C ASP B 221 -2.46 -8.34 35.88
N LYS B 222 -1.68 -7.30 35.55
CA LYS B 222 -2.27 -6.14 34.88
C LYS B 222 -3.02 -6.59 33.62
N ALA B 223 -2.42 -7.51 32.86
CA ALA B 223 -3.06 -8.07 31.68
C ALA B 223 -4.33 -8.83 32.03
N LYS B 224 -4.22 -9.79 32.96
CA LYS B 224 -5.39 -10.57 33.35
C LYS B 224 -6.56 -9.65 33.73
N GLN B 225 -6.27 -8.58 34.46
CA GLN B 225 -7.32 -7.71 34.98
C GLN B 225 -7.96 -6.86 33.88
N ALA B 226 -7.22 -6.52 32.81
CA ALA B 226 -7.85 -5.85 31.67
C ALA B 226 -8.83 -6.78 30.95
N ALA B 227 -8.58 -8.09 30.98
CA ALA B 227 -9.48 -9.04 30.33
C ALA B 227 -10.86 -9.08 30.99
N VAL B 228 -10.96 -8.72 32.27
CA VAL B 228 -12.11 -9.12 33.08
C VAL B 228 -13.43 -8.58 32.54
N PRO B 229 -13.56 -7.31 32.16
CA PRO B 229 -14.91 -6.80 31.82
C PRO B 229 -15.46 -7.44 30.56
N VAL B 230 -14.61 -7.77 29.61
CA VAL B 230 -15.08 -8.41 28.39
C VAL B 230 -15.49 -9.84 28.71
N VAL B 231 -14.66 -10.53 29.49
CA VAL B 231 -14.95 -11.90 29.90
C VAL B 231 -16.30 -11.97 30.63
N ALA B 232 -16.58 -11.02 31.52
CA ALA B 232 -17.88 -11.01 32.18
C ALA B 232 -19.02 -10.83 31.19
N PHE B 233 -18.80 -10.09 30.11
CA PHE B 233 -19.86 -9.92 29.12
C PHE B 233 -20.03 -11.19 28.29
N ILE B 234 -18.95 -11.93 28.07
CA ILE B 234 -19.00 -13.17 27.29
C ILE B 234 -19.82 -14.22 28.03
N ALA B 235 -19.38 -14.54 29.26
CA ALA B 235 -20.08 -15.50 30.11
C ALA B 235 -21.59 -15.27 30.10
N ALA B 236 -22.01 -14.01 30.23
CA ALA B 236 -23.44 -13.70 30.22
C ALA B 236 -24.10 -14.21 28.94
N GLY B 237 -23.58 -13.82 27.78
CA GLY B 237 -24.23 -14.09 26.50
C GLY B 237 -24.00 -15.46 25.89
N SER B 238 -23.32 -16.36 26.60
CA SER B 238 -22.96 -17.68 26.09
C SER B 238 -24.09 -18.70 26.32
N PRO B 239 -24.35 -19.59 25.37
CA PRO B 239 -25.36 -20.64 25.57
C PRO B 239 -24.79 -21.79 26.39
N PRO B 240 -25.66 -22.56 27.06
CA PRO B 240 -25.16 -23.51 28.09
C PRO B 240 -24.15 -24.53 27.57
N VAL B 241 -24.22 -24.90 26.28
CA VAL B 241 -23.29 -25.90 25.75
C VAL B 241 -21.86 -25.42 25.88
N VAL B 242 -21.64 -24.11 25.63
CA VAL B 242 -20.34 -23.49 25.86
C VAL B 242 -20.03 -23.47 27.36
N LEU B 243 -21.02 -23.03 28.15
CA LEU B 243 -20.88 -23.02 29.60
C LEU B 243 -20.46 -24.40 30.12
N GLU B 244 -20.95 -25.46 29.48
CA GLU B 244 -20.65 -26.84 29.95
C GLU B 244 -19.33 -27.34 29.35
N ARG B 245 -18.95 -26.86 28.15
CA ARG B 245 -17.71 -27.31 27.46
C ARG B 245 -16.48 -26.94 28.27
N HIS B 246 -16.46 -25.76 28.90
CA HIS B 246 -15.28 -25.25 29.64
C HIS B 246 -15.47 -25.47 31.14
N GLY B 247 -16.68 -25.80 31.58
CA GLY B 247 -16.94 -26.08 33.01
C GLY B 247 -17.09 -24.80 33.79
N ILE B 248 -18.16 -24.05 33.57
CA ILE B 248 -18.34 -22.72 34.22
C ILE B 248 -19.41 -22.81 35.29
N ASP B 249 -19.16 -22.24 36.47
CA ASP B 249 -20.17 -22.20 37.56
C ASP B 249 -21.32 -21.32 37.07
N MET B 250 -22.41 -21.93 36.63
CA MET B 250 -23.61 -21.17 36.20
C MET B 250 -24.01 -20.31 37.38
N GLU B 251 -23.49 -20.59 38.58
CA GLU B 251 -23.75 -19.75 39.77
C GLU B 251 -23.13 -18.37 39.50
N LYS B 252 -21.81 -18.26 39.34
CA LYS B 252 -21.23 -16.97 38.99
C LYS B 252 -22.03 -16.32 37.86
N VAL B 253 -22.37 -17.13 36.85
CA VAL B 253 -22.95 -16.63 35.61
C VAL B 253 -24.33 -16.02 35.85
N GLU B 254 -25.10 -16.55 36.80
CA GLU B 254 -26.31 -15.85 37.22
C GLU B 254 -25.96 -14.58 38.01
N ALA B 255 -24.83 -14.59 38.72
CA ALA B 255 -24.37 -13.41 39.46
C ALA B 255 -23.79 -12.34 38.54
N ILE B 256 -23.16 -12.75 37.45
CA ILE B 256 -22.64 -11.80 36.48
C ILE B 256 -23.76 -11.23 35.61
N ARG B 257 -24.56 -12.11 34.98
CA ARG B 257 -25.70 -11.63 34.20
C ARG B 257 -26.53 -10.66 35.02
N ASN B 258 -26.79 -11.02 36.28
CA ASN B 258 -27.58 -10.15 37.15
C ASN B 258 -26.87 -8.81 37.37
N ALA B 259 -25.68 -8.84 37.98
CA ALA B 259 -24.97 -7.60 38.34
C ALA B 259 -24.86 -6.59 37.20
N LEU B 260 -24.83 -7.07 35.96
CA LEU B 260 -24.69 -6.24 34.79
C LEU B 260 -25.99 -5.50 34.43
N PHE B 265 -22.26 -3.15 38.11
CA PHE B 265 -21.18 -3.73 37.32
C PHE B 265 -20.06 -4.36 38.15
N PRO B 266 -19.39 -3.57 39.03
CA PRO B 266 -18.28 -4.14 39.82
C PRO B 266 -18.61 -5.48 40.44
N GLU B 267 -19.92 -5.71 40.63
CA GLU B 267 -20.40 -6.99 41.13
C GLU B 267 -20.28 -8.06 40.05
N ALA B 268 -20.70 -7.73 38.81
CA ALA B 268 -20.45 -8.60 37.68
C ALA B 268 -18.96 -8.93 37.58
N PHE B 269 -18.11 -7.90 37.67
CA PHE B 269 -16.67 -8.09 37.48
C PHE B 269 -16.05 -8.88 38.63
N LYS B 270 -16.61 -8.77 39.84
CA LYS B 270 -16.04 -9.50 40.97
C LYS B 270 -16.22 -11.01 40.81
N ASN B 271 -17.33 -11.44 40.19
CA ASN B 271 -17.64 -12.86 40.04
C ASN B 271 -16.92 -13.54 38.88
N VAL B 272 -16.01 -12.86 38.19
CA VAL B 272 -15.27 -13.49 37.10
C VAL B 272 -14.06 -14.18 37.69
N ASP B 273 -13.92 -15.47 37.39
CA ASP B 273 -12.88 -16.31 37.97
C ASP B 273 -11.96 -16.83 36.88
N ASP B 274 -11.01 -17.68 37.29
CA ASP B 274 -9.92 -18.06 36.40
C ASP B 274 -10.37 -19.02 35.31
N THR B 275 -11.34 -19.89 35.57
CA THR B 275 -11.79 -20.77 34.51
C THR B 275 -12.48 -19.98 33.39
N MET B 276 -13.13 -18.87 33.73
CA MET B 276 -13.77 -18.06 32.70
C MET B 276 -12.73 -17.26 31.90
N LEU B 277 -11.68 -16.76 32.57
CA LEU B 277 -10.60 -16.08 31.86
C LEU B 277 -9.83 -17.05 30.97
N GLU B 278 -9.65 -18.31 31.42
CA GLU B 278 -9.14 -19.38 30.56
C GLU B 278 -10.02 -19.56 29.33
N ALA B 279 -11.33 -19.53 29.53
CA ALA B 279 -12.26 -19.97 28.49
C ALA B 279 -12.58 -18.91 27.43
N PHE B 280 -12.52 -17.61 27.78
CA PHE B 280 -13.00 -16.60 26.83
C PHE B 280 -11.98 -15.52 26.52
N SER B 281 -10.69 -15.80 26.63
CA SER B 281 -9.70 -14.77 26.32
C SER B 281 -8.31 -15.37 26.31
N ILE B 282 -7.46 -14.83 25.45
CA ILE B 282 -6.02 -15.08 25.45
C ILE B 282 -5.39 -13.96 26.27
N TYR B 283 -4.93 -14.23 27.47
CA TYR B 283 -4.35 -13.19 28.32
C TYR B 283 -3.02 -13.64 28.86
N GLY B 284 -2.21 -12.68 29.24
CA GLY B 284 -1.00 -12.97 29.95
C GLY B 284 0.12 -12.08 29.47
N THR B 285 1.31 -12.41 29.92
CA THR B 285 2.53 -11.90 29.31
C THR B 285 2.56 -12.25 27.82
N PRO B 286 3.45 -11.65 27.03
CA PRO B 286 3.62 -12.16 25.65
C PRO B 286 3.94 -13.65 25.60
N GLU B 287 4.76 -14.16 26.54
CA GLU B 287 5.12 -15.57 26.55
C GLU B 287 3.92 -16.47 26.85
N ASP B 288 3.04 -16.04 27.76
CA ASP B 288 1.78 -16.75 27.98
C ASP B 288 0.91 -16.71 26.74
N VAL B 289 0.83 -15.55 26.10
CA VAL B 289 -0.05 -15.38 24.94
C VAL B 289 0.51 -16.14 23.74
N VAL B 290 1.83 -16.10 23.56
CA VAL B 290 2.45 -16.89 22.51
C VAL B 290 2.11 -18.37 22.68
N GLU B 291 2.08 -18.85 23.93
CA GLU B 291 1.78 -20.26 24.13
C GLU B 291 0.33 -20.57 23.80
N LYS B 292 -0.60 -19.72 24.24
CA LYS B 292 -2.01 -19.99 23.97
C LYS B 292 -2.31 -19.98 22.48
N CYS B 293 -1.63 -19.10 21.72
CA CYS B 293 -1.85 -19.02 20.28
C CYS B 293 -1.28 -20.25 19.56
N LYS B 294 -0.09 -20.69 19.98
CA LYS B 294 0.48 -21.95 19.49
C LYS B 294 -0.54 -23.08 19.61
N LYS B 295 -1.20 -23.18 20.77
CA LYS B 295 -2.18 -24.24 20.95
C LYS B 295 -3.39 -24.09 20.02
N LEU B 296 -3.92 -22.87 19.89
CA LEU B 296 -5.00 -22.66 18.96
C LEU B 296 -4.59 -23.05 17.54
N ALA B 297 -3.30 -22.85 17.22
CA ALA B 297 -2.81 -23.18 15.88
C ALA B 297 -2.79 -24.69 15.66
N GLU B 298 -2.40 -25.45 16.68
CA GLU B 298 -2.41 -26.91 16.54
C GLU B 298 -3.82 -27.40 16.27
N MET B 299 -4.84 -26.69 16.74
CA MET B 299 -6.23 -27.08 16.58
C MET B 299 -6.83 -26.67 15.24
N GLY B 300 -6.02 -26.12 14.32
CA GLY B 300 -6.51 -25.74 13.00
C GLY B 300 -6.74 -24.26 12.79
N VAL B 301 -6.47 -23.42 13.78
CA VAL B 301 -6.67 -21.97 13.64
C VAL B 301 -5.52 -21.39 12.84
N THR B 302 -5.83 -20.67 11.74
CA THR B 302 -4.81 -19.99 10.95
C THR B 302 -4.79 -18.46 11.06
N GLN B 303 -5.81 -17.84 11.67
CA GLN B 303 -5.78 -16.40 11.98
C GLN B 303 -6.29 -16.17 13.38
N ILE B 304 -5.57 -15.37 14.16
CA ILE B 304 -6.03 -14.91 15.46
C ILE B 304 -6.29 -13.41 15.40
N VAL B 305 -7.53 -13.01 15.67
CA VAL B 305 -7.91 -11.60 15.70
C VAL B 305 -7.79 -11.14 17.15
N ALA B 306 -6.89 -10.21 17.42
CA ALA B 306 -6.64 -9.69 18.78
C ALA B 306 -7.72 -8.66 19.15
N GLY B 307 -8.93 -9.13 19.47
CA GLY B 307 -10.07 -8.24 19.77
C GLY B 307 -9.93 -7.56 21.11
N SER B 308 -10.89 -6.71 21.46
CA SER B 308 -10.86 -5.90 22.71
C SER B 308 -10.94 -6.81 23.94
N PRO B 309 -10.29 -6.43 25.06
CA PRO B 309 -9.41 -5.29 25.06
C PRO B 309 -8.29 -5.82 24.18
N ILE B 310 -7.37 -5.02 23.71
CA ILE B 310 -6.19 -5.60 23.01
C ILE B 310 -5.22 -5.73 24.15
N GLY B 311 -5.48 -4.98 25.21
CA GLY B 311 -4.65 -4.97 26.41
C GLY B 311 -5.18 -3.92 27.36
N PRO B 312 -4.48 -3.64 28.46
CA PRO B 312 -4.91 -2.59 29.37
C PRO B 312 -4.93 -1.29 28.55
N ASN B 313 -3.89 -0.96 27.80
CA ASN B 313 -3.82 0.12 26.82
C ASN B 313 -3.63 -0.43 25.40
N LYS B 314 -4.65 -0.20 24.53
CA LYS B 314 -4.62 -0.67 23.15
C LYS B 314 -3.32 -0.28 22.44
N GLU B 315 -2.93 0.99 22.56
CA GLU B 315 -1.73 1.46 21.89
C GLU B 315 -0.51 0.68 22.33
N THR B 316 -0.32 0.57 23.66
CA THR B 316 0.85 -0.12 24.21
C THR B 316 0.83 -1.58 23.83
N ALA B 317 -0.38 -2.16 23.73
CA ALA B 317 -0.56 -3.60 23.53
C ALA B 317 -0.37 -3.98 22.08
N ILE B 318 -0.81 -3.10 21.18
CA ILE B 318 -0.53 -3.28 19.76
C ILE B 318 0.97 -3.31 19.53
N LYS B 319 1.70 -2.37 20.17
CA LYS B 319 3.15 -2.34 20.05
C LYS B 319 3.79 -3.56 20.71
N LEU B 320 3.32 -3.93 21.90
CA LEU B 320 3.88 -5.10 22.58
C LEU B 320 3.68 -6.36 21.73
N ILE B 321 2.47 -6.55 21.20
CA ILE B 321 2.18 -7.66 20.29
C ILE B 321 3.09 -7.64 19.07
N GLY B 322 3.35 -6.46 18.49
CA GLY B 322 4.22 -6.40 17.32
C GLY B 322 5.64 -6.81 17.62
N LYS B 323 6.12 -6.51 18.83
CA LYS B 323 7.52 -6.70 19.22
C LYS B 323 7.76 -8.13 19.72
N LYS B 324 6.77 -8.73 20.39
CA LYS B 324 6.99 -9.90 21.23
C LYS B 324 5.97 -11.03 21.04
N VAL B 325 4.99 -10.87 20.19
CA VAL B 325 4.00 -11.91 19.95
C VAL B 325 4.00 -12.34 18.48
N ILE B 326 3.92 -11.40 17.55
CA ILE B 326 3.79 -11.72 16.13
C ILE B 326 5.10 -12.33 15.62
N PRO B 327 6.28 -11.80 15.94
CA PRO B 327 7.50 -12.40 15.37
C PRO B 327 7.82 -13.76 15.94
N ALA B 328 7.30 -14.08 17.12
CA ALA B 328 7.53 -15.38 17.75
C ALA B 328 6.62 -16.48 17.17
N LEU B 329 5.59 -16.09 16.42
CA LEU B 329 4.59 -17.01 15.88
C LEU B 329 4.65 -17.01 14.36
N LYS B 330 5.86 -16.90 13.81
CA LYS B 330 6.05 -16.71 12.38
C LYS B 330 5.23 -15.51 11.86
#